data_8DWE
#
_entry.id   8DWE
#
_cell.length_a   48.630
_cell.length_b   137.960
_cell.length_c   74.490
_cell.angle_alpha   90.000
_cell.angle_beta   101.000
_cell.angle_gamma   90.000
#
_symmetry.space_group_name_H-M   'P 1 21 1'
#
loop_
_entity.id
_entity.type
_entity.pdbx_description
1 polymer 'Adenine DNA glycosylase'
2 polymer "DNA (5'-D(*AP*AP*GP*AP*CP*(8OG)P*TP*GP*GP*AP*C)-3')"
3 polymer "DNA (5'-D(*TP*GP*TP*CP*CP*AP*(PRN)P*GP*TP*CP*T)-3')"
4 non-polymer 'IRON/SULFUR CLUSTER'
5 non-polymer 1,2-ETHANEDIOL
6 non-polymer 'CALCIUM ION'
7 non-polymer 2-AMINO-2-HYDROXYMETHYL-PROPANE-1,3-DIOL
8 water water
#
loop_
_entity_poly.entity_id
_entity_poly.type
_entity_poly.pdbx_seq_one_letter_code
_entity_poly.pdbx_strand_id
1 'polypeptide(L)'
;MTRETERFPAREFQRDLLDWFARERRDLPWRKDRDPYKVWVSQVMLQQTRVETVIPYFEQFIDRFPTLEALADADEDEVL
KAWEGLGYYSRVRNLHAAVKEVKTRYGGKVPDDPDEFSRLKGVGPYTVGAVLSLAYGVPEPAVDGNVMRVLSRLFLVTDD
IAKPSTRKRFEQIVREIMAYENPGAFNEALIELGALVCTPRRPSCLLCPVQAYCQAFAEGVAEELPVKMKKTAVKQVPLA
VAVLADDEGRVLIRKRDSTGLLANLWEFPSCETDGADGKEKLEQMVGEQYGLQVELTEPIVSFEHAFSHLVWQLTVFPGR
LVHGGPVEEPYRLAPEDELKAYAFPVSHQRVWREYKEWASGVRRP
;
A,D
2 'polydeoxyribonucleotide' (DA)(DA)(DG)(DA)(DC)(8OG)(DT)(DG)(DG)(DA)(DC) B,E
3 'polydeoxyribonucleotide' (DT)(DG)(DT)(DC)(DC)(DA)(PRN)(DG)(DT)(DC)(DT) C,F
#
# COMPACT_ATOMS: atom_id res chain seq x y z
N THR A 5 33.16 1.17 26.76
CA THR A 5 32.70 2.55 26.57
C THR A 5 33.40 3.47 27.58
N GLU A 6 34.73 3.35 27.61
CA GLU A 6 35.55 4.19 28.48
C GLU A 6 35.61 5.65 28.03
N ARG A 7 35.75 5.87 26.72
CA ARG A 7 35.84 7.21 26.16
C ARG A 7 34.46 7.83 25.87
N PHE A 8 33.37 7.20 26.32
CA PHE A 8 32.03 7.65 25.98
C PHE A 8 31.51 8.62 27.03
N PRO A 9 31.09 9.85 26.66
CA PRO A 9 30.55 10.80 27.66
C PRO A 9 29.11 10.48 28.07
N ALA A 10 29.00 9.43 28.89
CA ALA A 10 27.69 8.91 29.30
C ALA A 10 26.79 10.01 29.83
N ARG A 11 27.32 10.86 30.72
CA ARG A 11 26.49 11.87 31.35
C ARG A 11 26.08 12.96 30.36
N GLU A 12 26.95 13.35 29.44
CA GLU A 12 26.50 14.27 28.40
C GLU A 12 25.43 13.62 27.53
N PHE A 13 25.63 12.35 27.15
CA PHE A 13 24.65 11.63 26.34
C PHE A 13 23.28 11.59 27.02
N GLN A 14 23.23 11.19 28.29
CA GLN A 14 21.97 11.07 29.02
C GLN A 14 21.22 12.40 29.09
N ARG A 15 21.95 13.51 29.31
CA ARG A 15 21.32 14.81 29.39
C ARG A 15 20.62 15.16 28.08
N ASP A 16 21.30 14.98 26.95
CA ASP A 16 20.68 15.39 25.69
C ASP A 16 19.53 14.45 25.33
N LEU A 17 19.68 13.16 25.66
CA LEU A 17 18.64 12.17 25.34
C LEU A 17 17.43 12.36 26.20
N LEU A 18 17.61 12.60 27.50
CA LEU A 18 16.45 12.73 28.36
C LEU A 18 15.77 14.08 28.21
N ASP A 19 16.53 15.14 27.83
CA ASP A 19 15.94 16.43 27.49
C ASP A 19 15.10 16.37 26.22
N TRP A 20 15.58 15.68 25.18
CA TRP A 20 14.74 15.43 24.01
C TRP A 20 13.47 14.66 24.37
N PHE A 21 13.61 13.62 25.18
CA PHE A 21 12.48 12.73 25.41
C PHE A 21 11.34 13.47 26.09
N ALA A 22 11.67 14.42 26.98
CA ALA A 22 10.59 15.12 27.69
C ALA A 22 9.78 15.99 26.75
N ARG A 23 10.44 16.55 25.73
CA ARG A 23 9.77 17.37 24.75
C ARG A 23 8.88 16.54 23.83
N GLU A 24 9.42 15.44 23.28
CA GLU A 24 8.80 14.73 22.17
C GLU A 24 8.09 13.44 22.57
N ARG A 25 8.11 13.08 23.85
CA ARG A 25 7.38 11.91 24.36
C ARG A 25 5.93 11.89 23.86
N ARG A 26 5.52 10.77 23.26
CA ARG A 26 4.17 10.59 22.76
C ARG A 26 3.21 10.32 23.90
N ASP A 27 1.97 10.81 23.77
CA ASP A 27 0.90 10.61 24.74
C ASP A 27 0.23 9.27 24.42
N LEU A 28 0.56 8.27 25.19
CA LEU A 28 0.08 6.93 25.03
C LEU A 28 -0.69 6.49 26.27
N PRO A 29 -1.75 5.71 26.08
CA PRO A 29 -2.60 5.35 27.23
C PRO A 29 -1.86 4.66 28.38
N TRP A 30 -0.78 3.91 28.12
CA TRP A 30 -0.06 3.20 29.19
C TRP A 30 0.99 4.05 29.85
N ARG A 31 1.13 5.32 29.42
CA ARG A 31 2.08 6.25 30.03
C ARG A 31 1.42 7.14 31.08
N LYS A 32 0.12 6.95 31.30
CA LYS A 32 -0.61 7.83 32.20
C LYS A 32 -0.27 7.58 33.66
N ASP A 33 0.31 6.42 34.00
CA ASP A 33 0.77 6.10 35.35
C ASP A 33 1.79 4.95 35.28
N ARG A 34 2.13 4.38 36.45
CA ARG A 34 3.12 3.33 36.54
C ARG A 34 2.58 2.09 37.27
N ASP A 35 1.29 1.82 37.11
CA ASP A 35 0.72 0.57 37.59
C ASP A 35 1.46 -0.64 37.01
N PRO A 36 2.08 -1.49 37.82
CA PRO A 36 2.84 -2.60 37.23
C PRO A 36 2.01 -3.45 36.30
N TYR A 37 0.74 -3.71 36.64
CA TYR A 37 -0.10 -4.55 35.78
C TYR A 37 -0.31 -3.90 34.41
N LYS A 38 -0.64 -2.60 34.38
CA LYS A 38 -0.94 -1.93 33.12
C LYS A 38 0.31 -1.81 32.25
N VAL A 39 1.45 -1.56 32.87
CA VAL A 39 2.70 -1.55 32.12
C VAL A 39 2.93 -2.92 31.50
N TRP A 40 2.75 -3.98 32.29
CA TRP A 40 2.99 -5.34 31.83
C TRP A 40 2.11 -5.65 30.65
N VAL A 41 0.84 -5.29 30.74
CA VAL A 41 -0.09 -5.54 29.64
C VAL A 41 0.39 -4.83 28.39
N SER A 42 0.74 -3.54 28.51
CA SER A 42 1.15 -2.80 27.31
C SER A 42 2.38 -3.46 26.67
N GLN A 43 3.33 -3.87 27.48
CA GLN A 43 4.58 -4.38 26.91
C GLN A 43 4.36 -5.72 26.24
N VAL A 44 3.41 -6.51 26.72
CA VAL A 44 3.13 -7.77 26.05
C VAL A 44 2.43 -7.48 24.74
N MET A 45 1.43 -6.60 24.76
CA MET A 45 0.76 -6.20 23.52
C MET A 45 1.74 -5.68 22.48
N LEU A 46 2.75 -4.93 22.93
CA LEU A 46 3.72 -4.28 22.06
C LEU A 46 4.71 -5.24 21.44
N GLN A 47 4.80 -6.47 21.91
CA GLN A 47 5.78 -7.38 21.33
C GLN A 47 5.45 -7.57 19.86
N GLN A 48 6.38 -7.20 18.99
CA GLN A 48 6.24 -7.39 17.55
C GLN A 48 4.90 -6.81 17.04
N THR A 49 4.39 -5.76 17.68
CA THR A 49 3.16 -5.05 17.27
C THR A 49 3.40 -3.56 17.48
N ARG A 50 3.08 -2.76 16.47
CA ARG A 50 3.39 -1.33 16.47
C ARG A 50 2.51 -0.57 17.42
N VAL A 51 3.06 0.52 17.95
CA VAL A 51 2.33 1.32 18.93
C VAL A 51 0.96 1.73 18.42
N GLU A 52 0.87 2.21 17.16
CA GLU A 52 -0.41 2.71 16.68
C GLU A 52 -1.45 1.59 16.59
N THR A 53 -1.00 0.38 16.26
CA THR A 53 -1.91 -0.77 16.32
C THR A 53 -2.43 -1.04 17.72
N VAL A 54 -1.53 -0.99 18.71
CA VAL A 54 -1.81 -1.47 20.08
C VAL A 54 -2.80 -0.55 20.78
N ILE A 55 -2.76 0.75 20.51
CA ILE A 55 -3.50 1.75 21.28
C ILE A 55 -4.94 1.35 21.53
N PRO A 56 -5.77 1.10 20.51
CA PRO A 56 -7.18 0.83 20.81
C PRO A 56 -7.36 -0.51 21.49
N TYR A 57 -6.47 -1.45 21.23
CA TYR A 57 -6.53 -2.74 21.90
C TYR A 57 -6.27 -2.61 23.41
N PHE A 58 -5.20 -1.90 23.79
CA PHE A 58 -4.96 -1.62 25.20
C PHE A 58 -6.17 -0.97 25.86
N GLU A 59 -6.73 0.07 25.21
CA GLU A 59 -7.82 0.83 25.84
C GLU A 59 -8.98 -0.08 26.16
N GLN A 60 -9.34 -0.97 25.22
CA GLN A 60 -10.47 -1.88 25.45
C GLN A 60 -10.12 -3.02 26.41
N PHE A 61 -8.89 -3.52 26.36
CA PHE A 61 -8.50 -4.63 27.23
C PHE A 61 -8.57 -4.20 28.68
N ILE A 62 -8.03 -3.02 28.99
CA ILE A 62 -8.05 -2.55 30.36
C ILE A 62 -9.47 -2.19 30.79
N ASP A 63 -10.33 -1.76 29.87
CA ASP A 63 -11.73 -1.58 30.22
C ASP A 63 -12.35 -2.89 30.69
N ARG A 64 -12.15 -3.97 29.94
CA ARG A 64 -12.76 -5.23 30.36
C ARG A 64 -12.05 -5.81 31.58
N PHE A 65 -10.74 -5.62 31.68
CA PHE A 65 -9.90 -6.28 32.66
C PHE A 65 -9.03 -5.22 33.33
N PRO A 66 -9.58 -4.49 34.29
CA PRO A 66 -8.87 -3.33 34.83
C PRO A 66 -7.75 -3.64 35.79
N THR A 67 -7.72 -4.85 36.37
CA THR A 67 -6.78 -5.21 37.41
C THR A 67 -6.19 -6.59 37.12
N LEU A 68 -5.01 -6.83 37.68
CA LEU A 68 -4.41 -8.16 37.60
C LEU A 68 -5.41 -9.21 38.03
N GLU A 69 -6.13 -8.95 39.12
CA GLU A 69 -7.07 -9.92 39.69
C GLU A 69 -8.28 -10.11 38.78
N ALA A 70 -8.72 -9.06 38.06
CA ALA A 70 -9.82 -9.23 37.12
C ALA A 70 -9.42 -10.10 35.94
N LEU A 71 -8.19 -9.95 35.44
CA LEU A 71 -7.75 -10.81 34.35
C LEU A 71 -7.61 -12.27 34.81
N ALA A 72 -7.11 -12.49 36.04
CA ALA A 72 -6.98 -13.87 36.53
C ALA A 72 -8.33 -14.56 36.69
N ASP A 73 -9.35 -13.86 37.19
CA ASP A 73 -10.65 -14.48 37.46
C ASP A 73 -11.49 -14.64 36.20
N ALA A 74 -11.01 -14.16 35.06
CA ALA A 74 -11.78 -14.21 33.82
C ALA A 74 -11.56 -15.51 33.07
N ASP A 75 -12.58 -15.86 32.27
CA ASP A 75 -12.56 -17.04 31.42
C ASP A 75 -11.63 -16.85 30.24
N GLU A 76 -10.99 -17.95 29.83
CA GLU A 76 -10.01 -17.85 28.76
C GLU A 76 -10.66 -17.43 27.45
N ASP A 77 -11.93 -17.79 27.21
CA ASP A 77 -12.54 -17.41 25.94
C ASP A 77 -12.78 -15.89 25.88
N GLU A 78 -13.11 -15.25 27.00
CA GLU A 78 -13.24 -13.81 26.97
C GLU A 78 -11.87 -13.13 26.83
N VAL A 79 -10.83 -13.77 27.36
CA VAL A 79 -9.49 -13.21 27.25
C VAL A 79 -9.04 -13.27 25.81
N LEU A 80 -9.33 -14.39 25.14
CA LEU A 80 -8.91 -14.54 23.75
C LEU A 80 -9.67 -13.58 22.84
N LYS A 81 -10.94 -13.36 23.11
CA LYS A 81 -11.72 -12.47 22.25
C LYS A 81 -11.23 -11.03 22.34
N ALA A 82 -10.70 -10.62 23.51
CA ALA A 82 -10.16 -9.26 23.69
C ALA A 82 -8.81 -9.05 23.00
N TRP A 83 -8.14 -10.12 22.60
CA TRP A 83 -6.94 -10.09 21.77
C TRP A 83 -7.22 -10.31 20.28
N GLU A 84 -8.45 -10.68 19.92
CA GLU A 84 -8.80 -11.02 18.55
C GLU A 84 -8.32 -9.96 17.57
N GLY A 85 -7.46 -10.38 16.64
CA GLY A 85 -6.94 -9.52 15.60
C GLY A 85 -5.54 -9.00 15.82
N LEU A 86 -4.99 -9.15 17.04
CA LEU A 86 -3.68 -8.61 17.36
C LEU A 86 -2.54 -9.50 16.93
N GLY A 87 -2.79 -10.78 16.73
CA GLY A 87 -1.76 -11.72 16.32
C GLY A 87 -0.99 -12.27 17.51
N TYR A 88 -0.10 -13.21 17.20
CA TYR A 88 0.66 -13.98 18.18
C TYR A 88 -0.13 -14.20 19.47
N TYR A 89 -1.13 -15.07 19.37
CA TYR A 89 -2.15 -15.23 20.40
C TYR A 89 -1.66 -15.96 21.65
N SER A 90 -0.57 -16.74 21.58
CA SER A 90 -0.07 -17.35 22.82
C SER A 90 0.48 -16.30 23.80
N ARG A 91 0.71 -15.05 23.36
CA ARG A 91 1.12 -13.99 24.28
C ARG A 91 0.10 -13.85 25.39
N VAL A 92 -1.18 -13.98 25.02
CA VAL A 92 -2.28 -13.68 25.92
C VAL A 92 -2.62 -14.91 26.75
N ARG A 93 -2.41 -16.10 26.20
CA ARG A 93 -2.49 -17.29 27.01
C ARG A 93 -1.39 -17.30 28.07
N ASN A 94 -0.18 -16.92 27.65
CA ASN A 94 0.92 -16.77 28.59
C ASN A 94 0.63 -15.69 29.60
N LEU A 95 0.21 -14.50 29.14
CA LEU A 95 -0.10 -13.44 30.09
C LEU A 95 -1.15 -13.89 31.10
N HIS A 96 -2.14 -14.66 30.67
CA HIS A 96 -3.26 -15.06 31.53
C HIS A 96 -2.79 -16.03 32.61
N ALA A 97 -2.03 -17.05 32.21
CA ALA A 97 -1.39 -17.94 33.16
C ALA A 97 -0.45 -17.18 34.10
N ALA A 98 0.29 -16.20 33.57
CA ALA A 98 1.21 -15.50 34.43
C ALA A 98 0.47 -14.72 35.51
N VAL A 99 -0.69 -14.14 35.20
CA VAL A 99 -1.29 -13.30 36.22
C VAL A 99 -1.90 -14.19 37.28
N LYS A 100 -2.32 -15.40 36.90
CA LYS A 100 -2.77 -16.37 37.90
C LYS A 100 -1.62 -16.77 38.83
N GLU A 101 -0.44 -17.06 38.25
CA GLU A 101 0.72 -17.30 39.07
C GLU A 101 1.00 -16.15 40.02
N VAL A 102 0.84 -14.90 39.56
CA VAL A 102 1.11 -13.77 40.44
C VAL A 102 0.07 -13.68 41.57
N LYS A 103 -1.20 -13.91 41.26
CA LYS A 103 -2.23 -13.90 42.29
C LYS A 103 -1.99 -14.97 43.36
N THR A 104 -1.46 -16.11 42.95
CA THR A 104 -1.27 -17.23 43.88
C THR A 104 0.04 -17.09 44.66
N ARG A 105 1.15 -17.24 43.95
CA ARG A 105 2.46 -17.26 44.57
C ARG A 105 2.91 -15.89 45.08
N TYR A 106 2.33 -14.79 44.62
CA TYR A 106 2.88 -13.48 44.96
C TYR A 106 1.85 -12.52 45.56
N GLY A 107 0.66 -13.00 45.92
CA GLY A 107 -0.32 -12.14 46.56
C GLY A 107 -0.81 -11.03 45.66
N GLY A 108 -0.83 -11.24 44.36
CA GLY A 108 -1.26 -10.20 43.45
C GLY A 108 -0.27 -9.10 43.24
N LYS A 109 0.97 -9.22 43.72
CA LYS A 109 1.98 -8.18 43.61
C LYS A 109 3.02 -8.62 42.58
N VAL A 110 3.08 -7.91 41.46
CA VAL A 110 4.05 -8.18 40.41
C VAL A 110 5.46 -8.17 41.00
N PRO A 111 6.21 -9.28 40.91
CA PRO A 111 7.56 -9.32 41.48
C PRO A 111 8.48 -8.25 40.96
N ASP A 112 9.30 -7.71 41.86
CA ASP A 112 10.25 -6.65 41.53
C ASP A 112 11.66 -7.16 41.45
N ASP A 113 11.86 -8.45 41.60
CA ASP A 113 13.16 -9.05 41.36
C ASP A 113 13.18 -9.63 39.95
N PRO A 114 14.17 -9.31 39.12
CA PRO A 114 14.11 -9.81 37.72
C PRO A 114 14.03 -11.32 37.59
N ASP A 115 14.71 -12.08 38.45
CA ASP A 115 14.74 -13.52 38.25
C ASP A 115 13.37 -14.13 38.49
N GLU A 116 12.67 -13.59 39.47
CA GLU A 116 11.33 -14.08 39.74
C GLU A 116 10.34 -13.58 38.70
N PHE A 117 10.48 -12.32 38.23
CA PHE A 117 9.56 -11.82 37.23
C PHE A 117 9.78 -12.53 35.90
N SER A 118 11.03 -12.65 35.45
CA SER A 118 11.32 -13.33 34.18
C SER A 118 10.83 -14.78 34.19
N ARG A 119 10.66 -15.39 35.36
CA ARG A 119 10.21 -16.76 35.41
C ARG A 119 8.75 -16.91 35.03
N LEU A 120 8.01 -15.82 34.92
CA LEU A 120 6.61 -15.89 34.55
C LEU A 120 6.49 -16.08 33.04
N LYS A 121 5.46 -16.81 32.62
CA LYS A 121 5.33 -17.10 31.18
C LYS A 121 5.08 -15.81 30.41
N GLY A 122 5.71 -15.69 29.24
CA GLY A 122 5.52 -14.55 28.36
C GLY A 122 6.54 -13.44 28.54
N VAL A 123 7.34 -13.52 29.61
CA VAL A 123 8.27 -12.49 30.07
C VAL A 123 9.69 -12.91 29.68
N GLY A 124 10.18 -12.32 28.62
CA GLY A 124 11.55 -12.52 28.23
C GLY A 124 12.46 -11.35 28.63
N PRO A 125 13.68 -11.38 28.13
CA PRO A 125 14.65 -10.32 28.44
C PRO A 125 14.16 -8.91 28.20
N TYR A 126 13.36 -8.70 27.13
CA TYR A 126 12.89 -7.35 26.83
C TYR A 126 11.85 -6.93 27.87
N THR A 127 10.89 -7.83 28.15
CA THR A 127 9.77 -7.47 29.01
C THR A 127 10.19 -7.38 30.48
N VAL A 128 11.15 -8.19 30.94
CA VAL A 128 11.68 -7.97 32.30
C VAL A 128 12.18 -6.54 32.43
N GLY A 129 13.14 -6.16 31.57
CA GLY A 129 13.61 -4.78 31.55
C GLY A 129 12.52 -3.72 31.53
N ALA A 130 11.53 -3.87 30.65
CA ALA A 130 10.61 -2.76 30.39
C ALA A 130 9.63 -2.56 31.55
N VAL A 131 9.15 -3.66 32.11
CA VAL A 131 8.20 -3.57 33.20
C VAL A 131 8.91 -3.16 34.49
N LEU A 132 10.03 -3.80 34.79
CA LEU A 132 10.61 -3.53 36.09
C LEU A 132 11.18 -2.13 36.17
N SER A 133 11.71 -1.61 35.06
CA SER A 133 12.33 -0.29 35.12
C SER A 133 11.27 0.77 35.25
N LEU A 134 10.18 0.63 34.50
CA LEU A 134 9.07 1.57 34.60
C LEU A 134 8.36 1.46 35.94
N ALA A 135 7.94 0.27 36.36
CA ALA A 135 7.07 0.22 37.53
C ALA A 135 7.82 0.37 38.85
N TYR A 136 9.09 -0.10 38.93
CA TYR A 136 9.84 -0.13 40.18
C TYR A 136 11.22 0.55 40.08
N GLY A 137 11.61 1.09 38.92
CA GLY A 137 12.92 1.70 38.82
C GLY A 137 14.09 0.72 38.86
N VAL A 138 13.84 -0.53 38.58
CA VAL A 138 14.97 -1.47 38.50
C VAL A 138 15.81 -1.14 37.28
N PRO A 139 17.17 -1.07 37.40
CA PRO A 139 18.06 -0.73 36.28
C PRO A 139 18.38 -1.90 35.34
N GLU A 140 17.32 -2.55 34.83
CA GLU A 140 17.48 -3.65 33.89
C GLU A 140 17.33 -3.15 32.46
N PRO A 141 18.21 -3.52 31.54
CA PRO A 141 18.04 -3.08 30.15
C PRO A 141 16.82 -3.69 29.46
N ALA A 142 16.24 -2.89 28.54
CA ALA A 142 15.04 -3.27 27.77
C ALA A 142 15.40 -3.14 26.30
N VAL A 143 16.10 -4.14 25.78
CA VAL A 143 16.69 -4.08 24.46
C VAL A 143 15.70 -4.70 23.46
N ASP A 144 14.98 -3.84 22.69
CA ASP A 144 14.08 -4.26 21.63
C ASP A 144 14.70 -3.93 20.27
N GLY A 145 13.91 -4.13 19.19
CA GLY A 145 14.36 -3.79 17.84
C GLY A 145 14.84 -2.36 17.71
N ASN A 146 14.06 -1.43 18.24
CA ASN A 146 14.43 -0.03 18.21
C ASN A 146 15.81 0.20 18.85
N VAL A 147 16.02 -0.33 20.06
CA VAL A 147 17.26 -0.11 20.80
C VAL A 147 18.43 -0.74 20.08
N MET A 148 18.25 -1.94 19.57
CA MET A 148 19.34 -2.58 18.86
C MET A 148 19.79 -1.72 17.68
N ARG A 149 18.84 -1.13 16.97
CA ARG A 149 19.17 -0.29 15.80
C ARG A 149 19.94 0.96 16.23
N VAL A 150 19.39 1.72 17.17
CA VAL A 150 20.06 2.89 17.74
C VAL A 150 21.46 2.54 18.24
N LEU A 151 21.60 1.46 19.01
CA LEU A 151 22.92 1.21 19.62
C LEU A 151 23.91 0.73 18.59
N SER A 152 23.44 0.00 17.59
CA SER A 152 24.38 -0.46 16.58
C SER A 152 24.93 0.70 15.77
N ARG A 153 24.18 1.81 15.68
CA ARG A 153 24.60 3.03 14.99
C ARG A 153 25.46 3.93 15.87
N LEU A 154 24.99 4.23 17.09
CA LEU A 154 25.82 4.98 18.03
C LEU A 154 27.20 4.37 18.16
N PHE A 155 27.28 3.05 18.28
CA PHE A 155 28.53 2.39 18.64
C PHE A 155 29.11 1.54 17.52
N LEU A 156 28.63 1.71 16.30
CA LEU A 156 29.12 1.00 15.11
C LEU A 156 29.36 -0.49 15.38
N VAL A 157 28.26 -1.18 15.72
CA VAL A 157 28.25 -2.63 15.85
C VAL A 157 27.87 -3.25 14.51
N THR A 158 28.81 -4.00 13.93
CA THR A 158 28.69 -4.55 12.58
C THR A 158 28.28 -6.01 12.57
N ASP A 159 27.95 -6.59 13.71
CA ASP A 159 27.63 -8.00 13.80
C ASP A 159 26.12 -8.21 13.84
N ASP A 160 25.69 -9.31 13.26
CA ASP A 160 24.28 -9.66 13.19
C ASP A 160 23.64 -9.57 14.56
N ILE A 161 22.62 -8.71 14.68
CA ILE A 161 22.02 -8.44 15.97
C ILE A 161 21.29 -9.65 16.52
N ALA A 162 21.15 -10.72 15.74
CA ALA A 162 20.53 -11.94 16.24
C ALA A 162 21.49 -12.85 17.01
N LYS A 163 22.79 -12.68 16.86
CA LYS A 163 23.72 -13.48 17.66
C LYS A 163 23.63 -13.16 19.16
N PRO A 164 23.87 -14.16 20.03
CA PRO A 164 23.97 -13.88 21.48
C PRO A 164 25.16 -13.02 21.85
N SER A 165 26.29 -13.23 21.20
CA SER A 165 27.43 -12.35 21.40
C SER A 165 27.05 -10.89 21.17
N THR A 166 26.18 -10.62 20.18
CA THR A 166 25.78 -9.24 19.97
C THR A 166 24.79 -8.78 21.05
N ARG A 167 23.85 -9.62 21.42
CA ARG A 167 22.88 -9.24 22.46
C ARG A 167 23.60 -8.96 23.77
N LYS A 168 24.50 -9.84 24.17
CA LYS A 168 25.19 -9.58 25.42
C LYS A 168 25.89 -8.23 25.33
N ARG A 169 26.36 -7.86 24.14
CA ARG A 169 27.11 -6.63 23.99
C ARG A 169 26.18 -5.42 24.08
N PHE A 170 24.97 -5.54 23.56
CA PHE A 170 24.03 -4.43 23.69
C PHE A 170 23.66 -4.22 25.15
N GLU A 171 23.42 -5.34 25.86
CA GLU A 171 23.09 -5.28 27.27
C GLU A 171 24.21 -4.59 28.05
N GLN A 172 25.46 -4.95 27.74
CA GLN A 172 26.59 -4.37 28.44
C GLN A 172 26.74 -2.89 28.11
N ILE A 173 26.37 -2.47 26.90
CA ILE A 173 26.41 -1.05 26.62
C ILE A 173 25.40 -0.30 27.49
N VAL A 174 24.18 -0.84 27.60
CA VAL A 174 23.12 -0.15 28.31
C VAL A 174 23.44 -0.03 29.78
N ARG A 175 24.02 -1.08 30.36
CA ARG A 175 24.45 -0.99 31.77
C ARG A 175 25.54 0.07 31.98
N GLU A 176 26.41 0.28 31.01
CA GLU A 176 27.44 1.30 31.16
C GLU A 176 26.89 2.72 31.03
N ILE A 177 25.94 2.96 30.12
CA ILE A 177 25.51 4.33 29.78
C ILE A 177 24.18 4.73 30.40
N MET A 178 23.52 3.82 31.07
CA MET A 178 22.18 4.10 31.52
C MET A 178 22.24 5.11 32.66
N ALA A 179 21.17 5.88 32.81
CA ALA A 179 21.04 6.83 33.92
C ALA A 179 20.40 6.07 35.07
N TYR A 180 21.21 5.70 36.06
CA TYR A 180 20.62 4.92 37.15
C TYR A 180 19.74 5.79 38.06
N GLU A 181 19.68 7.11 37.80
CA GLU A 181 18.75 7.99 38.49
C GLU A 181 17.31 7.69 38.10
N ASN A 182 17.08 7.43 36.80
CA ASN A 182 15.74 7.16 36.28
C ASN A 182 15.84 6.11 35.19
N PRO A 183 15.92 4.84 35.55
CA PRO A 183 16.12 3.80 34.53
C PRO A 183 14.91 3.61 33.65
N GLY A 184 13.71 3.83 34.17
CA GLY A 184 12.54 3.74 33.30
C GLY A 184 12.56 4.76 32.17
N ALA A 185 12.79 6.03 32.52
CA ALA A 185 12.83 7.06 31.48
C ALA A 185 13.97 6.84 30.52
N PHE A 186 15.14 6.40 31.00
CA PHE A 186 16.24 6.13 30.08
C PHE A 186 15.84 5.04 29.07
N ASN A 187 15.28 3.93 29.56
CA ASN A 187 14.89 2.86 28.65
C ASN A 187 13.83 3.31 27.66
N GLU A 188 12.84 4.06 28.13
CA GLU A 188 11.79 4.43 27.17
C GLU A 188 12.28 5.49 26.21
N ALA A 189 13.33 6.21 26.56
CA ALA A 189 13.86 7.24 25.68
C ALA A 189 14.63 6.66 24.50
N LEU A 190 15.51 5.65 24.77
CA LEU A 190 16.21 4.98 23.68
C LEU A 190 15.24 4.39 22.67
N ILE A 191 14.15 3.79 23.17
CA ILE A 191 13.14 3.20 22.29
C ILE A 191 12.49 4.30 21.47
N GLU A 192 12.08 5.37 22.13
CA GLU A 192 11.40 6.46 21.44
C GLU A 192 12.32 7.09 20.42
N LEU A 193 13.61 7.10 20.67
CA LEU A 193 14.50 7.62 19.64
C LEU A 193 14.48 6.73 18.40
N GLY A 194 14.51 5.43 18.60
CA GLY A 194 14.45 4.54 17.46
C GLY A 194 13.13 4.59 16.71
N ALA A 195 12.04 4.91 17.43
CA ALA A 195 10.72 4.97 16.79
C ALA A 195 10.48 6.27 16.01
N LEU A 196 10.99 7.40 16.47
CA LEU A 196 10.66 8.71 15.91
C LEU A 196 11.80 9.40 15.16
N VAL A 197 13.04 9.00 15.37
CA VAL A 197 14.15 9.69 14.72
C VAL A 197 15.08 8.70 14.03
N CYS A 198 15.65 7.76 14.79
CA CYS A 198 16.65 6.81 14.27
C CYS A 198 15.95 5.58 13.68
N THR A 199 15.23 5.82 12.57
CA THR A 199 14.31 4.86 11.98
C THR A 199 15.00 3.90 11.03
N PRO A 200 14.36 2.77 10.72
CA PRO A 200 15.03 1.74 9.89
C PRO A 200 15.55 2.27 8.56
N ARG A 201 14.73 2.98 7.80
CA ARG A 201 15.16 3.68 6.59
C ARG A 201 15.28 5.18 6.83
N ARG A 202 16.22 5.81 6.14
CA ARG A 202 16.35 7.27 6.08
C ARG A 202 16.24 7.89 7.48
N PRO A 203 17.11 7.52 8.41
CA PRO A 203 17.08 8.13 9.75
C PRO A 203 17.25 9.65 9.69
N SER A 204 16.60 10.34 10.62
CA SER A 204 16.58 11.81 10.69
C SER A 204 17.78 12.35 11.48
N CYS A 205 19.00 11.98 11.10
CA CYS A 205 20.17 12.39 11.88
C CYS A 205 20.27 13.90 12.12
N LEU A 206 19.68 14.72 11.26
CA LEU A 206 19.83 16.16 11.40
C LEU A 206 18.89 16.74 12.46
N LEU A 207 17.78 16.07 12.74
CA LEU A 207 16.93 16.33 13.89
C LEU A 207 17.30 15.48 15.11
N CYS A 208 18.52 14.84 15.11
CA CYS A 208 18.78 13.88 16.17
C CYS A 208 19.42 14.56 17.36
N PRO A 209 18.85 14.41 18.55
CA PRO A 209 19.48 15.02 19.73
C PRO A 209 20.81 14.43 20.15
N VAL A 210 21.23 13.28 19.64
CA VAL A 210 22.48 12.67 20.12
C VAL A 210 23.42 12.48 18.94
N GLN A 211 23.23 13.30 17.90
CA GLN A 211 24.08 13.23 16.72
C GLN A 211 25.57 13.34 17.04
N ALA A 212 25.93 14.12 18.05
CA ALA A 212 27.35 14.35 18.33
C ALA A 212 28.02 13.16 19.00
N TYR A 213 27.26 12.15 19.42
CA TYR A 213 27.81 10.94 20.01
C TYR A 213 27.74 9.74 19.09
N CYS A 214 27.24 9.89 17.87
CA CYS A 214 26.93 8.78 16.99
C CYS A 214 28.10 8.48 16.06
N GLN A 215 28.59 7.25 16.12
CA GLN A 215 29.71 6.82 15.29
C GLN A 215 29.29 6.54 13.85
N ALA A 216 28.06 6.09 13.61
CA ALA A 216 27.70 5.76 12.24
C ALA A 216 27.49 7.03 11.42
N PHE A 217 26.90 8.05 12.05
CA PHE A 217 26.78 9.37 11.44
C PHE A 217 28.14 9.89 11.01
N ALA A 218 29.12 9.86 11.93
CA ALA A 218 30.47 10.33 11.63
C ALA A 218 31.06 9.60 10.43
N GLU A 219 30.97 8.27 10.42
CA GLU A 219 31.52 7.43 9.35
C GLU A 219 30.60 7.31 8.13
N GLY A 220 29.38 7.82 8.20
CA GLY A 220 28.45 7.81 7.07
C GLY A 220 27.92 6.45 6.67
N VAL A 221 27.61 5.60 7.65
CA VAL A 221 27.28 4.20 7.41
C VAL A 221 25.98 3.82 8.11
N ALA A 222 25.21 4.82 8.50
CA ALA A 222 24.01 4.60 9.32
C ALA A 222 22.99 3.68 8.65
N GLU A 223 22.64 3.99 7.41
CA GLU A 223 21.58 3.24 6.73
C GLU A 223 21.95 1.80 6.44
N GLU A 224 23.21 1.43 6.64
CA GLU A 224 23.69 0.06 6.47
C GLU A 224 23.60 -0.75 7.77
N LEU A 225 23.10 -0.15 8.85
CA LEU A 225 23.00 -0.73 10.17
C LEU A 225 21.58 -0.58 10.69
N PRO A 226 21.13 -1.49 11.56
CA PRO A 226 21.83 -2.70 11.97
C PRO A 226 21.92 -3.77 10.89
N VAL A 227 22.72 -4.76 11.24
CA VAL A 227 22.91 -5.97 10.45
C VAL A 227 21.85 -7.00 10.89
N LYS A 228 21.00 -7.40 9.96
CA LYS A 228 19.95 -8.38 10.15
C LYS A 228 19.95 -9.28 8.92
N MET A 229 19.61 -10.54 9.11
CA MET A 229 19.58 -11.45 7.98
C MET A 229 18.29 -11.25 7.21
N LYS A 230 18.42 -11.23 5.88
CA LYS A 230 17.26 -11.19 4.99
C LYS A 230 16.35 -12.38 5.27
N LYS A 231 15.04 -12.17 5.12
CA LYS A 231 14.09 -13.25 5.35
C LYS A 231 14.10 -14.22 4.17
N THR A 232 13.99 -15.52 4.47
CA THR A 232 13.90 -16.58 3.47
C THR A 232 12.45 -16.92 3.16
N ALA A 233 12.20 -17.28 1.91
CA ALA A 233 10.83 -17.51 1.44
C ALA A 233 10.13 -18.57 2.27
N VAL A 234 8.82 -18.39 2.42
CA VAL A 234 8.01 -19.19 3.33
C VAL A 234 7.06 -20.06 2.52
N LYS A 235 6.70 -21.21 3.09
CA LYS A 235 5.86 -22.19 2.43
C LYS A 235 4.48 -21.60 2.12
N GLN A 236 3.97 -21.95 0.94
CA GLN A 236 2.63 -21.58 0.52
C GLN A 236 1.73 -22.79 0.73
N VAL A 237 0.61 -22.58 1.40
CA VAL A 237 -0.28 -23.70 1.78
C VAL A 237 -1.68 -23.48 1.22
N PRO A 238 -2.07 -24.23 0.20
CA PRO A 238 -3.43 -24.12 -0.32
C PRO A 238 -4.47 -24.62 0.70
N LEU A 239 -5.56 -23.86 0.84
CA LEU A 239 -6.59 -24.17 1.81
C LEU A 239 -7.98 -23.90 1.23
N ALA A 240 -8.84 -24.91 1.28
CA ALA A 240 -10.24 -24.78 0.90
C ALA A 240 -11.13 -24.57 2.13
N VAL A 241 -11.98 -23.55 2.09
CA VAL A 241 -12.81 -23.13 3.20
C VAL A 241 -14.27 -23.16 2.76
N ALA A 242 -15.11 -23.85 3.54
CA ALA A 242 -16.54 -23.92 3.27
C ALA A 242 -17.34 -23.01 4.20
N VAL A 243 -18.19 -22.14 3.62
CA VAL A 243 -19.18 -21.37 4.38
C VAL A 243 -20.54 -22.02 4.11
N LEU A 244 -21.03 -22.77 5.11
CA LEU A 244 -22.24 -23.58 5.02
C LEU A 244 -23.33 -23.00 5.92
N ALA A 245 -24.50 -22.73 5.34
CA ALA A 245 -25.69 -22.30 6.08
C ALA A 245 -26.81 -23.32 5.90
N ASP A 246 -27.86 -23.19 6.72
CA ASP A 246 -29.02 -24.09 6.61
C ASP A 246 -30.30 -23.27 6.38
N ASP A 247 -31.43 -24.02 6.25
CA ASP A 247 -32.72 -23.41 5.99
C ASP A 247 -33.06 -22.37 7.05
N GLU A 248 -32.68 -22.65 8.30
CA GLU A 248 -32.95 -21.74 9.41
C GLU A 248 -32.11 -20.46 9.33
N GLY A 249 -30.91 -20.52 8.74
CA GLY A 249 -30.02 -19.38 8.64
C GLY A 249 -28.69 -19.51 9.38
N ARG A 250 -28.51 -20.57 10.15
CA ARG A 250 -27.35 -20.70 11.00
C ARG A 250 -26.16 -21.17 10.17
N VAL A 251 -24.94 -20.84 10.61
CA VAL A 251 -23.71 -21.14 9.90
C VAL A 251 -22.90 -22.15 10.68
N LEU A 252 -22.21 -23.04 9.96
CA LEU A 252 -21.36 -24.05 10.57
C LEU A 252 -19.94 -23.52 10.81
N ILE A 253 -19.51 -23.50 12.07
CA ILE A 253 -18.14 -23.15 12.44
C ILE A 253 -17.59 -24.25 13.34
N ARG A 254 -16.30 -24.15 13.63
CA ARG A 254 -15.68 -25.12 14.52
C ARG A 254 -14.51 -24.48 15.23
N LYS A 255 -14.19 -25.01 16.39
CA LYS A 255 -13.14 -24.47 17.23
C LYS A 255 -11.85 -25.21 16.99
N ARG A 256 -10.78 -24.48 16.71
CA ARG A 256 -9.47 -25.08 16.54
C ARG A 256 -8.98 -25.65 17.87
N ASP A 257 -8.06 -26.61 17.80
CA ASP A 257 -7.52 -27.23 19.01
C ASP A 257 -6.54 -26.28 19.73
N SER A 258 -6.18 -26.67 20.95
CA SER A 258 -5.50 -25.80 21.88
C SER A 258 -3.99 -25.75 21.67
N THR A 259 -3.49 -26.38 20.61
CA THR A 259 -2.06 -26.57 20.36
C THR A 259 -1.68 -26.08 18.96
N GLY A 260 -0.72 -25.18 18.89
CA GLY A 260 -0.19 -24.78 17.62
C GLY A 260 -0.87 -23.56 17.05
N LEU A 261 -1.07 -23.58 15.73
CA LEU A 261 -1.41 -22.37 14.99
C LEU A 261 -2.82 -21.90 15.34
N LEU A 262 -2.94 -20.58 15.54
CA LEU A 262 -4.23 -19.96 15.80
C LEU A 262 -5.05 -20.79 16.78
N ALA A 263 -4.44 -21.12 17.93
CA ALA A 263 -5.04 -22.08 18.85
C ALA A 263 -6.28 -21.54 19.52
N ASN A 264 -7.29 -22.39 19.67
CA ASN A 264 -8.49 -22.11 20.44
C ASN A 264 -9.37 -21.06 19.77
N LEU A 265 -9.05 -20.68 18.56
CA LEU A 265 -9.88 -19.79 17.77
C LEU A 265 -10.91 -20.55 16.93
N TRP A 266 -11.95 -19.84 16.53
CA TRP A 266 -13.01 -20.39 15.71
C TRP A 266 -12.73 -20.12 14.25
N GLU A 267 -13.22 -21.02 13.39
CA GLU A 267 -13.00 -20.91 11.96
C GLU A 267 -14.16 -21.55 11.20
N PHE A 268 -14.25 -21.22 9.98
CA PHE A 268 -15.08 -21.97 9.07
C PHE A 268 -14.35 -23.24 8.66
N PRO A 269 -15.06 -24.36 8.52
CA PRO A 269 -14.39 -25.63 8.21
C PRO A 269 -13.51 -25.51 6.98
N SER A 270 -12.32 -26.11 7.05
CA SER A 270 -11.28 -25.96 6.03
C SER A 270 -10.42 -27.21 5.99
N CYS A 271 -9.62 -27.34 4.92
CA CYS A 271 -8.74 -28.48 4.77
C CYS A 271 -7.70 -28.22 3.69
N GLU A 272 -6.55 -28.87 3.84
CA GLU A 272 -5.46 -28.73 2.88
C GLU A 272 -5.81 -29.40 1.56
N THR A 273 -5.41 -28.78 0.45
CA THR A 273 -5.79 -29.22 -0.89
C THR A 273 -4.61 -29.01 -1.83
N ASP A 274 -3.56 -29.80 -1.67
CA ASP A 274 -2.56 -29.85 -2.74
C ASP A 274 -3.27 -30.23 -4.05
N GLY A 275 -3.21 -29.34 -5.04
CA GLY A 275 -4.01 -29.47 -6.24
C GLY A 275 -5.27 -28.63 -6.18
N ALA A 276 -6.33 -29.09 -6.84
CA ALA A 276 -7.62 -28.40 -6.82
C ALA A 276 -8.74 -29.44 -6.77
N ASP A 277 -8.71 -30.26 -5.73
CA ASP A 277 -9.80 -31.18 -5.41
C ASP A 277 -10.50 -30.73 -4.13
N GLY A 278 -10.65 -29.40 -3.98
CA GLY A 278 -11.17 -28.85 -2.74
C GLY A 278 -12.66 -29.08 -2.54
N LYS A 279 -13.47 -28.94 -3.60
CA LYS A 279 -14.89 -29.26 -3.48
C LYS A 279 -15.06 -30.69 -2.99
N GLU A 280 -14.23 -31.61 -3.48
CA GLU A 280 -14.33 -33.01 -3.07
C GLU A 280 -13.84 -33.19 -1.64
N LYS A 281 -12.66 -32.66 -1.34
CA LYS A 281 -12.04 -32.88 -0.04
C LYS A 281 -12.89 -32.31 1.09
N LEU A 282 -13.57 -31.19 0.84
CA LEU A 282 -14.43 -30.58 1.85
C LEU A 282 -15.66 -31.43 2.11
N GLU A 283 -16.33 -31.88 1.05
CA GLU A 283 -17.53 -32.72 1.22
C GLU A 283 -17.19 -33.97 2.00
N GLN A 284 -16.06 -34.61 1.69
CA GLN A 284 -15.63 -35.79 2.42
C GLN A 284 -15.41 -35.48 3.90
N MET A 285 -14.97 -34.25 4.19
CA MET A 285 -14.62 -33.89 5.56
C MET A 285 -15.85 -33.51 6.39
N VAL A 286 -16.77 -32.74 5.82
CA VAL A 286 -17.98 -32.36 6.54
C VAL A 286 -18.89 -33.56 6.75
N GLY A 287 -19.04 -34.41 5.74
CA GLY A 287 -19.89 -35.59 5.88
C GLY A 287 -19.41 -36.59 6.92
N GLU A 288 -18.09 -36.66 7.14
CA GLU A 288 -17.55 -37.55 8.17
C GLU A 288 -18.02 -37.20 9.58
N GLN A 289 -18.73 -36.09 9.77
CA GLN A 289 -19.34 -35.79 11.06
C GLN A 289 -20.72 -36.43 11.13
N TYR A 290 -21.26 -36.51 12.34
CA TYR A 290 -22.48 -37.31 12.58
C TYR A 290 -23.71 -36.63 11.99
N GLY A 291 -24.41 -37.35 11.11
CA GLY A 291 -25.68 -36.88 10.56
C GLY A 291 -25.60 -35.55 9.82
N LEU A 292 -24.52 -35.32 9.08
CA LEU A 292 -24.26 -34.06 8.39
C LEU A 292 -24.17 -34.33 6.91
N GLN A 293 -25.09 -33.76 6.14
CA GLN A 293 -25.10 -33.86 4.68
C GLN A 293 -24.83 -32.49 4.09
N VAL A 294 -24.12 -32.46 2.98
CA VAL A 294 -23.59 -31.19 2.49
C VAL A 294 -23.45 -31.25 0.98
N GLU A 295 -23.71 -30.12 0.34
CA GLU A 295 -23.49 -29.95 -1.11
C GLU A 295 -23.02 -28.52 -1.37
N LEU A 296 -21.87 -28.38 -2.05
CA LEU A 296 -21.18 -27.10 -2.20
C LEU A 296 -21.24 -26.58 -3.64
N THR A 297 -21.36 -25.26 -3.78
CA THR A 297 -21.29 -24.61 -5.08
C THR A 297 -19.84 -24.31 -5.48
N GLU A 298 -19.70 -23.63 -6.61
CA GLU A 298 -18.39 -23.29 -7.15
C GLU A 298 -17.75 -22.17 -6.32
N PRO A 299 -16.42 -22.09 -6.32
CA PRO A 299 -15.74 -21.08 -5.49
C PRO A 299 -16.07 -19.65 -5.88
N ILE A 300 -15.95 -18.76 -4.91
CA ILE A 300 -16.33 -17.36 -5.09
C ILE A 300 -15.18 -16.39 -4.90
N VAL A 301 -14.05 -16.82 -4.33
CA VAL A 301 -12.91 -15.92 -4.15
C VAL A 301 -11.72 -16.76 -3.73
N SER A 302 -10.53 -16.24 -3.99
CA SER A 302 -9.32 -16.86 -3.51
C SER A 302 -8.33 -15.76 -3.15
N PHE A 303 -7.85 -15.76 -1.92
CA PHE A 303 -6.98 -14.72 -1.43
C PHE A 303 -5.90 -15.35 -0.55
N GLU A 304 -4.77 -14.66 -0.45
CA GLU A 304 -3.68 -15.08 0.40
C GLU A 304 -3.79 -14.42 1.77
N HIS A 305 -3.30 -15.13 2.79
CA HIS A 305 -3.18 -14.58 4.13
C HIS A 305 -1.81 -14.98 4.66
N ALA A 306 -1.06 -13.99 5.12
CA ALA A 306 0.33 -14.18 5.47
C ALA A 306 0.50 -14.36 6.97
N PHE A 307 1.31 -15.34 7.33
CA PHE A 307 1.89 -15.48 8.66
C PHE A 307 3.41 -15.31 8.53
N SER A 308 4.08 -15.18 9.66
CA SER A 308 5.52 -15.03 9.63
C SER A 308 6.23 -16.21 8.97
N HIS A 309 5.71 -17.41 9.10
CA HIS A 309 6.45 -18.62 8.78
C HIS A 309 5.84 -19.42 7.65
N LEU A 310 4.67 -19.01 7.16
CA LEU A 310 3.94 -19.66 6.08
C LEU A 310 2.91 -18.68 5.57
N VAL A 311 2.34 -19.01 4.40
CA VAL A 311 1.32 -18.21 3.76
C VAL A 311 0.19 -19.13 3.33
N TRP A 312 -1.03 -18.81 3.77
CA TRP A 312 -2.23 -19.54 3.39
C TRP A 312 -2.78 -18.99 2.09
N GLN A 313 -3.23 -19.88 1.23
CA GLN A 313 -3.89 -19.52 -0.02
C GLN A 313 -5.33 -20.01 0.08
N LEU A 314 -6.24 -19.12 0.46
CA LEU A 314 -7.61 -19.52 0.75
C LEU A 314 -8.48 -19.46 -0.50
N THR A 315 -9.31 -20.48 -0.64
CA THR A 315 -10.40 -20.50 -1.61
C THR A 315 -11.69 -20.81 -0.86
N VAL A 316 -12.68 -19.93 -1.02
CA VAL A 316 -13.94 -20.02 -0.30
C VAL A 316 -15.00 -20.69 -1.18
N PHE A 317 -15.55 -21.80 -0.68
CA PHE A 317 -16.66 -22.53 -1.32
C PHE A 317 -17.94 -22.33 -0.51
N PRO A 318 -18.92 -21.59 -1.02
CA PRO A 318 -20.23 -21.57 -0.35
C PRO A 318 -20.93 -22.92 -0.48
N GLY A 319 -21.95 -23.10 0.34
CA GLY A 319 -22.70 -24.35 0.31
C GLY A 319 -23.88 -24.27 1.26
N ARG A 320 -24.59 -25.41 1.37
CA ARG A 320 -25.73 -25.55 2.28
C ARG A 320 -25.64 -26.90 2.99
N LEU A 321 -26.21 -26.96 4.19
CA LEU A 321 -26.05 -28.08 5.11
C LEU A 321 -27.40 -28.59 5.61
N VAL A 322 -27.49 -29.91 5.76
CA VAL A 322 -28.65 -30.57 6.35
C VAL A 322 -28.12 -31.39 7.52
N HIS A 323 -28.68 -31.18 8.70
CA HIS A 323 -28.29 -31.94 9.88
C HIS A 323 -29.50 -32.67 10.45
N GLY A 324 -29.32 -33.96 10.72
CA GLY A 324 -30.35 -34.82 11.26
C GLY A 324 -30.34 -34.90 12.76
N GLY A 325 -29.40 -34.20 13.39
CA GLY A 325 -29.33 -34.21 14.81
C GLY A 325 -28.33 -33.19 15.31
N PRO A 326 -27.98 -33.29 16.58
CA PRO A 326 -27.04 -32.32 17.16
C PRO A 326 -25.70 -32.40 16.46
N VAL A 327 -25.13 -31.23 16.19
CA VAL A 327 -23.83 -31.12 15.55
C VAL A 327 -22.75 -31.37 16.59
N GLU A 328 -21.89 -32.35 16.33
CA GLU A 328 -20.93 -32.80 17.32
C GLU A 328 -19.77 -31.83 17.44
N GLU A 329 -19.34 -31.63 18.66
CA GLU A 329 -18.13 -30.86 18.88
C GLU A 329 -17.02 -31.54 18.09
N PRO A 330 -16.04 -30.77 17.61
CA PRO A 330 -15.82 -29.33 17.83
C PRO A 330 -16.68 -28.38 17.03
N TYR A 331 -17.64 -28.89 16.27
CA TYR A 331 -18.46 -28.05 15.43
C TYR A 331 -19.59 -27.43 16.23
N ARG A 332 -20.23 -26.47 15.60
CA ARG A 332 -21.31 -25.71 16.21
C ARG A 332 -22.00 -24.91 15.12
N LEU A 333 -23.32 -24.80 15.23
CA LEU A 333 -24.08 -23.91 14.39
C LEU A 333 -24.28 -22.58 15.10
N ALA A 334 -24.18 -21.49 14.35
CA ALA A 334 -24.37 -20.19 14.97
C ALA A 334 -25.15 -19.28 14.04
N PRO A 335 -26.23 -18.65 14.53
CA PRO A 335 -26.90 -17.65 13.70
C PRO A 335 -25.91 -16.61 13.27
N GLU A 336 -26.22 -15.84 12.23
CA GLU A 336 -25.28 -14.82 11.77
C GLU A 336 -25.05 -13.77 12.85
N ASP A 337 -26.06 -13.51 13.69
CA ASP A 337 -25.89 -12.54 14.76
C ASP A 337 -24.82 -13.00 15.75
N GLU A 338 -24.85 -14.27 16.15
CA GLU A 338 -23.92 -14.75 17.16
C GLU A 338 -22.48 -14.82 16.68
N LEU A 339 -22.20 -14.65 15.38
CA LEU A 339 -20.83 -14.78 14.91
C LEU A 339 -19.92 -13.70 15.53
N LYS A 340 -20.41 -12.47 15.63
CA LYS A 340 -19.60 -11.39 16.18
C LYS A 340 -19.13 -11.68 17.60
N ALA A 341 -19.76 -12.63 18.29
CA ALA A 341 -19.32 -13.00 19.63
C ALA A 341 -18.09 -13.92 19.63
N TYR A 342 -17.94 -14.78 18.62
CA TYR A 342 -16.84 -15.73 18.62
C TYR A 342 -15.54 -15.05 18.13
N ALA A 343 -14.41 -15.56 18.59
CA ALA A 343 -13.12 -15.06 18.15
C ALA A 343 -12.71 -15.80 16.88
N PHE A 344 -12.47 -15.05 15.81
CA PHE A 344 -11.99 -15.56 14.54
C PHE A 344 -10.64 -14.96 14.21
N PRO A 345 -9.76 -15.72 13.58
CA PRO A 345 -8.54 -15.12 13.00
C PRO A 345 -8.88 -14.22 11.82
N VAL A 346 -7.95 -13.32 11.51
CA VAL A 346 -8.20 -12.32 10.50
C VAL A 346 -8.54 -12.97 9.17
N SER A 347 -7.80 -14.01 8.80
CA SER A 347 -8.05 -14.75 7.56
C SER A 347 -9.53 -15.10 7.41
N HIS A 348 -10.16 -15.58 8.48
CA HIS A 348 -11.51 -16.08 8.44
C HIS A 348 -12.56 -15.00 8.65
N GLN A 349 -12.18 -13.90 9.28
CA GLN A 349 -13.04 -12.72 9.25
C GLN A 349 -13.21 -12.23 7.82
N ARG A 350 -12.16 -12.38 7.01
CA ARG A 350 -12.22 -11.98 5.62
C ARG A 350 -12.98 -13.01 4.79
N VAL A 351 -12.77 -14.29 5.06
CA VAL A 351 -13.63 -15.31 4.47
C VAL A 351 -15.09 -14.90 4.63
N TRP A 352 -15.46 -14.44 5.84
CA TRP A 352 -16.86 -14.15 6.08
C TRP A 352 -17.29 -12.89 5.35
N ARG A 353 -16.42 -11.88 5.33
CA ARG A 353 -16.76 -10.66 4.60
C ARG A 353 -16.96 -10.96 3.11
N GLU A 354 -16.09 -11.79 2.53
CA GLU A 354 -16.22 -12.11 1.12
C GLU A 354 -17.49 -12.89 0.82
N TYR A 355 -18.00 -13.66 1.78
CA TYR A 355 -19.23 -14.41 1.59
C TYR A 355 -20.46 -13.53 1.69
N LYS A 356 -20.44 -12.56 2.60
CA LYS A 356 -21.54 -11.62 2.71
C LYS A 356 -21.61 -10.70 1.49
N GLU A 357 -20.45 -10.29 0.95
CA GLU A 357 -20.46 -9.46 -0.24
C GLU A 357 -21.03 -10.24 -1.41
N TRP A 358 -20.52 -11.45 -1.64
CA TRP A 358 -21.01 -12.29 -2.72
C TRP A 358 -22.53 -12.37 -2.74
N ALA A 359 -23.15 -12.66 -1.60
CA ALA A 359 -24.62 -12.70 -1.52
C ALA A 359 -25.26 -11.35 -1.90
N GLU D 4 29.86 15.18 -24.83
CA GLU D 4 29.82 14.33 -23.65
C GLU D 4 30.16 12.90 -24.05
N THR D 5 29.97 12.60 -25.34
CA THR D 5 30.18 11.27 -25.91
C THR D 5 31.34 11.25 -26.92
N GLU D 6 32.36 12.09 -26.75
CA GLU D 6 33.45 12.12 -27.74
C GLU D 6 34.15 10.77 -27.81
N ARG D 7 34.54 10.22 -26.66
CA ARG D 7 35.28 8.96 -26.59
C ARG D 7 34.40 7.76 -26.25
N PHE D 8 33.09 7.82 -26.59
CA PHE D 8 32.15 6.76 -26.21
C PHE D 8 32.14 5.66 -27.25
N PRO D 9 32.24 4.37 -26.85
CA PRO D 9 32.16 3.23 -27.80
C PRO D 9 30.73 2.93 -28.25
N ALA D 10 30.19 3.78 -29.12
CA ALA D 10 28.77 3.66 -29.45
C ALA D 10 28.43 2.31 -30.06
N ARG D 11 29.29 1.79 -30.95
CA ARG D 11 28.94 0.56 -31.64
C ARG D 11 28.93 -0.64 -30.68
N GLU D 12 29.92 -0.71 -29.80
CA GLU D 12 29.88 -1.71 -28.72
C GLU D 12 28.63 -1.55 -27.88
N PHE D 13 28.36 -0.32 -27.44
CA PHE D 13 27.15 -0.06 -26.67
C PHE D 13 25.91 -0.57 -27.41
N GLN D 14 25.73 -0.16 -28.67
CA GLN D 14 24.55 -0.59 -29.42
C GLN D 14 24.43 -2.12 -29.48
N ARG D 15 25.54 -2.80 -29.77
CA ARG D 15 25.51 -4.27 -29.83
C ARG D 15 24.96 -4.85 -28.52
N ASP D 16 25.61 -4.52 -27.40
CA ASP D 16 25.20 -5.08 -26.11
C ASP D 16 23.77 -4.70 -25.76
N LEU D 17 23.33 -3.48 -26.11
CA LEU D 17 21.98 -3.03 -25.74
C LEU D 17 20.93 -3.72 -26.58
N LEU D 18 21.18 -3.82 -27.89
CA LEU D 18 20.19 -4.41 -28.79
C LEU D 18 20.09 -5.92 -28.59
N ASP D 19 21.18 -6.55 -28.17
CA ASP D 19 21.16 -7.99 -27.90
C ASP D 19 20.42 -8.29 -26.60
N TRP D 20 20.63 -7.50 -25.54
CA TRP D 20 19.80 -7.63 -24.35
C TRP D 20 18.32 -7.42 -24.67
N PHE D 21 18.00 -6.41 -25.48
CA PHE D 21 16.62 -6.06 -25.74
C PHE D 21 15.90 -7.18 -26.47
N ALA D 22 16.59 -7.81 -27.42
CA ALA D 22 15.99 -8.91 -28.18
C ALA D 22 15.57 -10.05 -27.28
N ARG D 23 16.34 -10.35 -26.27
CA ARG D 23 16.02 -11.46 -25.42
C ARG D 23 15.08 -11.09 -24.29
N GLU D 24 15.09 -9.83 -23.82
CA GLU D 24 14.29 -9.45 -22.66
C GLU D 24 13.05 -8.64 -23.00
N ARG D 25 12.88 -8.26 -24.26
CA ARG D 25 11.72 -7.51 -24.75
C ARG D 25 10.43 -8.06 -24.16
N ARG D 26 9.63 -7.19 -23.54
CA ARG D 26 8.33 -7.57 -23.01
C ARG D 26 7.33 -7.80 -24.14
N ASP D 27 6.40 -8.73 -23.91
CA ASP D 27 5.32 -8.99 -24.89
C ASP D 27 4.17 -8.04 -24.58
N LEU D 28 4.01 -7.06 -25.44
CA LEU D 28 3.01 -6.02 -25.27
C LEU D 28 2.12 -5.95 -26.50
N PRO D 29 0.87 -5.55 -26.32
CA PRO D 29 -0.09 -5.66 -27.44
C PRO D 29 0.16 -4.68 -28.59
N TRP D 30 0.88 -3.59 -28.37
CA TRP D 30 1.22 -2.67 -29.45
C TRP D 30 2.55 -3.00 -30.11
N ARG D 31 3.19 -4.10 -29.74
CA ARG D 31 4.40 -4.57 -30.41
C ARG D 31 4.11 -5.70 -31.39
N LYS D 32 2.84 -6.05 -31.57
CA LYS D 32 2.46 -7.08 -32.54
C LYS D 32 2.71 -6.63 -33.98
N ASP D 33 2.75 -5.31 -34.23
CA ASP D 33 3.08 -4.80 -35.56
C ASP D 33 3.57 -3.36 -35.42
N ARG D 34 3.65 -2.66 -36.56
CA ARG D 34 4.12 -1.29 -36.62
C ARG D 34 3.12 -0.39 -37.34
N ASP D 35 1.83 -0.69 -37.21
CA ASP D 35 0.75 0.17 -37.69
C ASP D 35 0.89 1.58 -37.10
N PRO D 36 1.07 2.62 -37.92
CA PRO D 36 1.28 3.95 -37.32
C PRO D 36 0.15 4.35 -36.40
N TYR D 37 -1.09 4.05 -36.77
CA TYR D 37 -2.21 4.40 -35.89
C TYR D 37 -2.05 3.74 -34.52
N LYS D 38 -1.69 2.45 -34.51
CA LYS D 38 -1.69 1.68 -33.26
C LYS D 38 -0.52 2.09 -32.39
N VAL D 39 0.62 2.34 -33.00
CA VAL D 39 1.75 2.94 -32.29
C VAL D 39 1.33 4.28 -31.67
N TRP D 40 0.79 5.18 -32.49
CA TRP D 40 0.37 6.48 -32.01
C TRP D 40 -0.51 6.35 -30.78
N VAL D 41 -1.52 5.49 -30.85
CA VAL D 41 -2.43 5.33 -29.71
C VAL D 41 -1.67 4.85 -28.48
N SER D 42 -0.77 3.85 -28.63
CA SER D 42 -0.07 3.32 -27.45
C SER D 42 0.77 4.42 -26.82
N GLN D 43 1.47 5.18 -27.67
CA GLN D 43 2.36 6.19 -27.13
C GLN D 43 1.58 7.32 -26.45
N VAL D 44 0.37 7.64 -26.91
CA VAL D 44 -0.40 8.64 -26.19
C VAL D 44 -0.84 8.09 -24.84
N MET D 45 -1.36 6.85 -24.83
CA MET D 45 -1.82 6.22 -23.59
C MET D 45 -0.69 6.12 -22.57
N LEU D 46 0.51 5.77 -23.03
CA LEU D 46 1.66 5.65 -22.17
C LEU D 46 2.13 6.98 -21.61
N GLN D 47 1.59 8.11 -22.03
CA GLN D 47 2.11 9.34 -21.48
C GLN D 47 1.76 9.40 -20.00
N GLN D 48 2.78 9.40 -19.14
CA GLN D 48 2.59 9.59 -17.70
C GLN D 48 1.69 8.47 -17.14
N THR D 49 1.83 7.28 -17.67
CA THR D 49 0.99 6.14 -17.32
C THR D 49 1.85 4.90 -17.48
N ARG D 50 1.74 3.96 -16.57
CA ARG D 50 2.61 2.80 -16.60
C ARG D 50 2.11 1.78 -17.59
N VAL D 51 3.06 1.06 -18.16
CA VAL D 51 2.74 0.04 -19.14
C VAL D 51 1.66 -0.89 -18.65
N GLU D 52 1.76 -1.36 -17.40
CA GLU D 52 0.81 -2.33 -16.89
C GLU D 52 -0.57 -1.73 -16.78
N THR D 53 -0.67 -0.45 -16.43
CA THR D 53 -1.96 0.22 -16.47
C THR D 53 -2.54 0.26 -17.88
N VAL D 54 -1.68 0.52 -18.88
CA VAL D 54 -2.16 0.77 -20.23
C VAL D 54 -2.70 -0.47 -20.93
N ILE D 55 -2.13 -1.65 -20.67
CA ILE D 55 -2.38 -2.85 -21.49
C ILE D 55 -3.87 -3.08 -21.68
N PRO D 56 -4.66 -3.21 -20.62
CA PRO D 56 -6.08 -3.50 -20.83
C PRO D 56 -6.78 -2.39 -21.58
N TYR D 57 -6.38 -1.13 -21.35
CA TYR D 57 -7.07 -0.01 -22.01
C TYR D 57 -6.79 0.01 -23.51
N PHE D 58 -5.54 -0.31 -23.89
CA PHE D 58 -5.21 -0.40 -25.30
C PHE D 58 -6.03 -1.45 -25.98
N GLU D 59 -6.03 -2.67 -25.41
CA GLU D 59 -6.77 -3.79 -25.99
C GLU D 59 -8.22 -3.40 -26.26
N GLN D 60 -8.86 -2.81 -25.26
CA GLN D 60 -10.26 -2.43 -25.44
C GLN D 60 -10.40 -1.29 -26.44
N PHE D 61 -9.51 -0.31 -26.37
CA PHE D 61 -9.63 0.87 -27.24
C PHE D 61 -9.60 0.45 -28.69
N ILE D 62 -8.68 -0.44 -29.04
CA ILE D 62 -8.56 -0.91 -30.41
C ILE D 62 -9.74 -1.77 -30.82
N ASP D 63 -10.31 -2.56 -29.90
CA ASP D 63 -11.54 -3.27 -30.23
C ASP D 63 -12.59 -2.29 -30.70
N ARG D 64 -12.78 -1.18 -29.98
CA ARG D 64 -13.85 -0.25 -30.35
C ARG D 64 -13.49 0.56 -31.59
N PHE D 65 -12.21 0.90 -31.75
CA PHE D 65 -11.74 1.80 -32.79
C PHE D 65 -10.51 1.16 -33.41
N PRO D 66 -10.69 0.22 -34.33
CA PRO D 66 -9.55 -0.53 -34.86
C PRO D 66 -8.64 0.22 -35.82
N THR D 67 -9.13 1.30 -36.43
CA THR D 67 -8.37 2.04 -37.41
C THR D 67 -8.50 3.52 -37.11
N LEU D 68 -7.59 4.30 -37.68
CA LEU D 68 -7.69 5.75 -37.58
C LEU D 68 -9.06 6.23 -38.03
N GLU D 69 -9.57 5.71 -39.15
CA GLU D 69 -10.86 6.17 -39.67
C GLU D 69 -11.99 5.88 -38.69
N ALA D 70 -11.97 4.71 -38.06
CA ALA D 70 -12.98 4.44 -37.05
C ALA D 70 -12.92 5.43 -35.89
N LEU D 71 -11.71 5.83 -35.47
CA LEU D 71 -11.66 6.80 -34.37
C LEU D 71 -12.11 8.19 -34.83
N ALA D 72 -11.69 8.64 -35.99
CA ALA D 72 -12.13 9.97 -36.46
C ALA D 72 -13.63 10.05 -36.54
N ASP D 73 -14.28 8.99 -37.02
CA ASP D 73 -15.73 9.01 -37.19
C ASP D 73 -16.49 8.85 -35.88
N ALA D 74 -15.84 8.32 -34.85
CA ALA D 74 -16.51 8.17 -33.57
C ALA D 74 -16.80 9.54 -32.97
N ASP D 75 -17.75 9.56 -32.05
CA ASP D 75 -18.13 10.79 -31.39
C ASP D 75 -17.44 10.92 -30.02
N GLU D 76 -17.30 12.17 -29.55
CA GLU D 76 -16.41 12.46 -28.44
C GLU D 76 -16.77 11.67 -27.18
N ASP D 77 -18.07 11.35 -26.98
CA ASP D 77 -18.50 10.70 -25.75
C ASP D 77 -18.10 9.22 -25.74
N GLU D 78 -18.16 8.55 -26.89
CA GLU D 78 -17.61 7.19 -27.00
C GLU D 78 -16.14 7.16 -26.64
N VAL D 79 -15.38 8.01 -27.32
CA VAL D 79 -13.94 8.07 -27.14
C VAL D 79 -13.60 8.33 -25.68
N LEU D 80 -14.37 9.20 -25.05
CA LEU D 80 -14.06 9.54 -23.67
C LEU D 80 -14.37 8.38 -22.74
N LYS D 81 -15.44 7.65 -23.03
CA LYS D 81 -15.79 6.52 -22.18
C LYS D 81 -14.73 5.44 -22.28
N ALA D 82 -14.08 5.31 -23.44
CA ALA D 82 -13.01 4.32 -23.59
C ALA D 82 -11.73 4.69 -22.82
N TRP D 83 -11.49 5.98 -22.61
CA TRP D 83 -10.37 6.47 -21.80
C TRP D 83 -10.69 6.56 -20.31
N GLU D 84 -11.94 6.38 -19.90
CA GLU D 84 -12.33 6.58 -18.51
C GLU D 84 -11.45 5.80 -17.55
N GLY D 85 -10.97 6.49 -16.50
CA GLY D 85 -10.09 5.93 -15.52
C GLY D 85 -8.62 6.03 -15.86
N LEU D 86 -8.27 6.38 -17.10
CA LEU D 86 -6.87 6.50 -17.47
C LEU D 86 -6.22 7.80 -17.02
N GLY D 87 -6.99 8.83 -16.72
CA GLY D 87 -6.40 10.10 -16.35
C GLY D 87 -5.87 10.93 -17.54
N TYR D 88 -5.39 12.13 -17.19
CA TYR D 88 -5.07 13.19 -18.15
C TYR D 88 -5.93 13.09 -19.43
N TYR D 89 -7.19 13.48 -19.29
CA TYR D 89 -8.19 13.17 -20.30
C TYR D 89 -8.09 14.06 -21.53
N SER D 90 -7.38 15.20 -21.47
CA SER D 90 -7.19 15.99 -22.68
C SER D 90 -6.36 15.24 -23.70
N ARG D 91 -5.57 14.23 -23.27
CA ARG D 91 -4.85 13.39 -24.20
C ARG D 91 -5.79 12.84 -25.28
N VAL D 92 -6.98 12.36 -24.84
CA VAL D 92 -7.87 11.67 -25.76
C VAL D 92 -8.60 12.68 -26.62
N ARG D 93 -8.91 13.85 -26.09
CA ARG D 93 -9.56 14.85 -26.95
C ARG D 93 -8.59 15.34 -28.01
N ASN D 94 -7.32 15.53 -27.66
CA ASN D 94 -6.32 15.96 -28.62
C ASN D 94 -6.10 14.90 -29.69
N LEU D 95 -6.06 13.62 -29.30
CA LEU D 95 -5.88 12.55 -30.28
C LEU D 95 -7.08 12.42 -31.23
N HIS D 96 -8.28 12.59 -30.72
CA HIS D 96 -9.46 12.53 -31.58
C HIS D 96 -9.40 13.66 -32.62
N ALA D 97 -9.04 14.87 -32.19
CA ALA D 97 -8.87 15.98 -33.12
C ALA D 97 -7.78 15.66 -34.15
N ALA D 98 -6.64 15.20 -33.68
CA ALA D 98 -5.53 14.92 -34.57
C ALA D 98 -5.87 13.86 -35.61
N VAL D 99 -6.63 12.82 -35.26
CA VAL D 99 -6.95 11.82 -36.27
C VAL D 99 -7.98 12.36 -37.24
N LYS D 100 -8.91 13.19 -36.78
CA LYS D 100 -9.78 13.89 -37.71
C LYS D 100 -8.97 14.73 -38.70
N GLU D 101 -7.93 15.41 -38.23
CA GLU D 101 -7.09 16.19 -39.14
C GLU D 101 -6.36 15.27 -40.11
N VAL D 102 -5.85 14.13 -39.63
CA VAL D 102 -5.11 13.24 -40.53
C VAL D 102 -6.04 12.65 -41.57
N LYS D 103 -7.29 12.40 -41.20
CA LYS D 103 -8.26 11.86 -42.14
C LYS D 103 -8.54 12.87 -43.26
N THR D 104 -8.83 14.11 -42.91
CA THR D 104 -9.33 15.08 -43.87
C THR D 104 -8.24 15.91 -44.54
N ARG D 105 -7.04 15.98 -43.96
CA ARG D 105 -5.94 16.74 -44.54
C ARG D 105 -4.81 15.88 -45.08
N TYR D 106 -4.61 14.63 -44.60
CA TYR D 106 -3.51 13.82 -45.08
C TYR D 106 -3.99 12.50 -45.67
N GLY D 107 -5.28 12.36 -45.95
CA GLY D 107 -5.81 11.15 -46.55
C GLY D 107 -5.72 9.92 -45.68
N GLY D 108 -5.75 10.08 -44.36
CA GLY D 108 -5.66 8.93 -43.48
C GLY D 108 -4.27 8.38 -43.26
N LYS D 109 -3.24 8.96 -43.86
CA LYS D 109 -1.88 8.49 -43.66
C LYS D 109 -1.19 9.36 -42.61
N VAL D 110 -0.83 8.75 -41.49
CA VAL D 110 -0.02 9.41 -40.46
C VAL D 110 1.21 10.05 -41.10
N PRO D 111 1.39 11.36 -40.97
CA PRO D 111 2.57 11.99 -41.57
C PRO D 111 3.88 11.40 -41.09
N ASP D 112 4.80 11.22 -42.02
CA ASP D 112 6.14 10.67 -41.75
C ASP D 112 7.21 11.73 -41.64
N ASP D 113 6.84 13.00 -41.77
CA ASP D 113 7.79 14.10 -41.53
C ASP D 113 7.65 14.59 -40.10
N PRO D 114 8.73 14.77 -39.34
CA PRO D 114 8.59 15.27 -37.96
C PRO D 114 7.83 16.59 -37.86
N ASP D 115 8.11 17.55 -38.72
CA ASP D 115 7.47 18.84 -38.57
C ASP D 115 5.98 18.73 -38.76
N GLU D 116 5.55 17.94 -39.70
CA GLU D 116 4.12 17.84 -39.93
C GLU D 116 3.44 17.01 -38.85
N PHE D 117 4.05 15.89 -38.45
CA PHE D 117 3.47 15.07 -37.39
C PHE D 117 3.40 15.84 -36.06
N SER D 118 4.46 16.58 -35.68
CA SER D 118 4.40 17.30 -34.40
C SER D 118 3.39 18.43 -34.41
N ARG D 119 2.92 18.87 -35.57
CA ARG D 119 1.92 19.90 -35.58
C ARG D 119 0.54 19.40 -35.18
N LEU D 120 0.37 18.10 -34.96
CA LEU D 120 -0.93 17.56 -34.60
C LEU D 120 -1.12 17.67 -33.10
N LYS D 121 -2.34 17.96 -32.67
CA LYS D 121 -2.60 18.13 -31.25
C LYS D 121 -2.21 16.87 -30.48
N GLY D 122 -1.51 17.05 -29.36
CA GLY D 122 -1.09 15.98 -28.47
C GLY D 122 0.29 15.41 -28.74
N VAL D 123 0.91 15.77 -29.87
CA VAL D 123 2.20 15.18 -30.26
C VAL D 123 3.30 16.13 -29.80
N GLY D 124 4.03 15.73 -28.76
CA GLY D 124 5.14 16.50 -28.27
C GLY D 124 6.44 15.87 -28.71
N PRO D 125 7.57 16.38 -28.21
CA PRO D 125 8.86 15.83 -28.65
C PRO D 125 9.04 14.36 -28.37
N TYR D 126 8.51 13.85 -27.25
CA TYR D 126 8.60 12.39 -27.06
C TYR D 126 7.78 11.64 -28.12
N THR D 127 6.50 11.99 -28.28
CA THR D 127 5.65 11.20 -29.18
C THR D 127 6.15 11.26 -30.63
N VAL D 128 6.68 12.42 -31.09
CA VAL D 128 7.24 12.50 -32.44
C VAL D 128 8.26 11.39 -32.64
N GLY D 129 9.24 11.31 -31.75
CA GLY D 129 10.30 10.34 -31.93
C GLY D 129 9.84 8.90 -31.82
N ALA D 130 8.95 8.63 -30.86
CA ALA D 130 8.51 7.26 -30.62
C ALA D 130 7.74 6.70 -31.80
N VAL D 131 6.80 7.48 -32.32
CA VAL D 131 5.97 7.03 -33.45
C VAL D 131 6.79 6.94 -34.73
N LEU D 132 7.57 7.97 -35.04
CA LEU D 132 8.20 8.02 -36.35
C LEU D 132 9.34 7.03 -36.44
N SER D 133 10.02 6.77 -35.33
CA SER D 133 11.12 5.81 -35.38
C SER D 133 10.61 4.39 -35.40
N LEU D 134 9.48 4.15 -34.73
CA LEU D 134 8.89 2.83 -34.75
C LEU D 134 8.18 2.57 -36.07
N ALA D 135 7.50 3.56 -36.62
CA ALA D 135 6.63 3.25 -37.75
C ALA D 135 7.31 3.42 -39.09
N TYR D 136 8.29 4.31 -39.19
CA TYR D 136 8.90 4.67 -40.46
C TYR D 136 10.41 4.63 -40.43
N GLY D 137 11.00 4.31 -39.28
CA GLY D 137 12.44 4.27 -39.20
C GLY D 137 13.07 5.62 -39.20
N VAL D 138 12.30 6.66 -38.92
CA VAL D 138 12.90 7.99 -38.80
C VAL D 138 13.84 8.02 -37.59
N PRO D 139 15.06 8.56 -37.73
CA PRO D 139 16.04 8.60 -36.62
C PRO D 139 15.88 9.78 -35.64
N GLU D 140 14.69 9.92 -35.10
CA GLU D 140 14.35 10.93 -34.10
C GLU D 140 14.47 10.36 -32.67
N PRO D 141 15.14 11.05 -31.76
CA PRO D 141 15.19 10.59 -30.37
C PRO D 141 13.81 10.60 -29.72
N ALA D 142 13.61 9.68 -28.76
CA ALA D 142 12.33 9.56 -28.04
C ALA D 142 12.66 9.60 -26.57
N VAL D 143 12.88 10.79 -26.04
CA VAL D 143 13.46 10.97 -24.72
C VAL D 143 12.35 11.07 -23.68
N ASP D 144 12.18 10.04 -22.88
CA ASP D 144 11.18 10.04 -21.83
C ASP D 144 11.87 9.97 -20.46
N GLY D 145 11.05 9.82 -19.42
CA GLY D 145 11.60 9.67 -18.06
C GLY D 145 12.63 8.57 -17.97
N ASN D 146 12.32 7.41 -18.55
CA ASN D 146 13.24 6.29 -18.51
C ASN D 146 14.58 6.63 -19.17
N VAL D 147 14.54 7.28 -20.34
CA VAL D 147 15.76 7.56 -21.09
C VAL D 147 16.59 8.60 -20.36
N MET D 148 15.93 9.63 -19.80
CA MET D 148 16.67 10.65 -19.07
C MET D 148 17.39 10.04 -17.89
N ARG D 149 16.74 9.12 -17.17
CA ARG D 149 17.38 8.45 -16.06
C ARG D 149 18.56 7.62 -16.54
N VAL D 150 18.37 6.81 -17.59
CA VAL D 150 19.44 5.92 -18.05
C VAL D 150 20.61 6.74 -18.54
N LEU D 151 20.34 7.86 -19.22
CA LEU D 151 21.43 8.62 -19.81
C LEU D 151 22.11 9.47 -18.76
N SER D 152 21.34 9.96 -17.78
CA SER D 152 21.95 10.69 -16.68
C SER D 152 22.93 9.82 -15.93
N ARG D 153 22.67 8.50 -15.85
CA ARG D 153 23.58 7.59 -15.15
C ARG D 153 24.75 7.19 -16.03
N LEU D 154 24.47 6.81 -17.28
CA LEU D 154 25.54 6.37 -18.18
C LEU D 154 26.58 7.46 -18.40
N PHE D 155 26.14 8.70 -18.50
CA PHE D 155 27.01 9.84 -18.83
C PHE D 155 27.19 10.82 -17.68
N LEU D 156 26.69 10.49 -16.50
CA LEU D 156 26.90 11.27 -15.29
C LEU D 156 26.52 12.74 -15.52
N VAL D 157 25.25 12.94 -15.82
CA VAL D 157 24.65 14.26 -15.99
C VAL D 157 24.04 14.62 -14.64
N THR D 158 24.60 15.64 -14.00
CA THR D 158 24.26 16.03 -12.65
C THR D 158 23.36 17.23 -12.58
N ASP D 159 22.85 17.70 -13.71
CA ASP D 159 21.96 18.84 -13.77
C ASP D 159 20.51 18.38 -13.80
N ASP D 160 19.66 19.12 -13.11
CA ASP D 160 18.23 18.91 -13.10
C ASP D 160 17.76 18.61 -14.51
N ILE D 161 17.18 17.42 -14.67
CA ILE D 161 16.71 16.97 -15.97
C ILE D 161 15.57 17.83 -16.50
N ALA D 162 14.86 18.56 -15.64
CA ALA D 162 13.82 19.44 -16.14
C ALA D 162 14.33 20.71 -16.84
N LYS D 163 15.61 21.08 -16.71
CA LYS D 163 16.10 22.29 -17.39
C LYS D 163 16.15 22.09 -18.91
N PRO D 164 15.92 23.15 -19.69
CA PRO D 164 16.01 23.01 -21.16
C PRO D 164 17.40 22.63 -21.65
N SER D 165 18.45 23.21 -21.08
CA SER D 165 19.79 22.81 -21.52
C SER D 165 20.09 21.33 -21.23
N THR D 166 19.56 20.79 -20.15
CA THR D 166 19.79 19.38 -19.90
C THR D 166 19.11 18.55 -20.98
N ARG D 167 17.86 18.90 -21.30
CA ARG D 167 17.09 18.14 -22.27
C ARG D 167 17.73 18.21 -23.65
N LYS D 168 18.14 19.40 -24.06
CA LYS D 168 18.94 19.52 -25.26
C LYS D 168 20.14 18.60 -25.20
N ARG D 169 20.78 18.51 -24.03
CA ARG D 169 21.95 17.65 -23.94
C ARG D 169 21.54 16.18 -24.14
N PHE D 170 20.39 15.80 -23.66
CA PHE D 170 20.01 14.41 -23.82
C PHE D 170 19.70 14.11 -25.29
N GLU D 171 18.98 15.02 -25.95
CA GLU D 171 18.69 14.79 -27.36
C GLU D 171 19.98 14.62 -28.13
N GLN D 172 21.00 15.42 -27.78
CA GLN D 172 22.26 15.36 -28.50
C GLN D 172 23.00 14.05 -28.21
N ILE D 173 22.91 13.55 -26.97
CA ILE D 173 23.59 12.28 -26.71
C ILE D 173 22.95 11.20 -27.57
N VAL D 174 21.62 11.21 -27.66
CA VAL D 174 20.94 10.17 -28.41
C VAL D 174 21.34 10.23 -29.90
N ARG D 175 21.41 11.44 -30.47
CA ARG D 175 21.79 11.54 -31.88
C ARG D 175 23.20 11.05 -32.13
N GLU D 176 24.09 11.18 -31.13
CA GLU D 176 25.45 10.70 -31.30
C GLU D 176 25.56 9.18 -31.21
N ILE D 177 24.73 8.53 -30.41
CA ILE D 177 24.95 7.12 -30.07
C ILE D 177 23.89 6.20 -30.65
N MET D 178 22.84 6.73 -31.23
CA MET D 178 21.80 5.83 -31.64
C MET D 178 22.26 5.02 -32.85
N ALA D 179 21.62 3.86 -33.04
CA ALA D 179 21.95 2.98 -34.16
C ALA D 179 21.04 3.45 -35.29
N TYR D 180 21.61 4.16 -36.27
CA TYR D 180 20.76 4.63 -37.36
C TYR D 180 20.30 3.50 -38.26
N GLU D 181 20.82 2.27 -38.09
CA GLU D 181 20.31 1.12 -38.84
C GLU D 181 18.88 0.75 -38.41
N ASN D 182 18.56 0.92 -37.12
CA ASN D 182 17.22 0.61 -36.60
C ASN D 182 16.83 1.56 -35.47
N PRO D 183 16.52 2.80 -35.81
CA PRO D 183 16.30 3.77 -34.73
C PRO D 183 15.11 3.40 -33.83
N GLY D 184 14.12 2.70 -34.36
CA GLY D 184 12.97 2.30 -33.55
C GLY D 184 13.35 1.29 -32.47
N ALA D 185 14.13 0.29 -32.83
CA ALA D 185 14.54 -0.66 -31.81
C ALA D 185 15.46 -0.02 -30.82
N PHE D 186 16.40 0.82 -31.28
CA PHE D 186 17.32 1.46 -30.34
C PHE D 186 16.53 2.27 -29.32
N ASN D 187 15.53 3.03 -29.78
CA ASN D 187 14.75 3.88 -28.88
C ASN D 187 13.97 3.06 -27.89
N GLU D 188 13.26 2.04 -28.38
CA GLU D 188 12.48 1.14 -27.52
C GLU D 188 13.38 0.46 -26.52
N ALA D 189 14.62 0.17 -26.93
CA ALA D 189 15.52 -0.59 -26.08
C ALA D 189 16.00 0.27 -24.91
N LEU D 190 16.44 1.50 -25.20
CA LEU D 190 16.84 2.42 -24.14
C LEU D 190 15.73 2.60 -23.11
N ILE D 191 14.50 2.72 -23.58
CA ILE D 191 13.37 2.85 -22.69
C ILE D 191 13.20 1.59 -21.87
N GLU D 192 13.42 0.45 -22.50
CA GLU D 192 13.15 -0.82 -21.83
C GLU D 192 14.20 -1.11 -20.77
N LEU D 193 15.42 -0.67 -21.00
CA LEU D 193 16.45 -0.75 -19.96
C LEU D 193 16.04 0.04 -18.74
N GLY D 194 15.46 1.20 -18.94
CA GLY D 194 15.03 1.97 -17.79
C GLY D 194 13.86 1.34 -17.08
N ALA D 195 12.95 0.68 -17.82
CA ALA D 195 11.77 0.11 -17.19
C ALA D 195 12.05 -1.20 -16.44
N LEU D 196 13.02 -2.00 -16.90
CA LEU D 196 13.30 -3.32 -16.38
C LEU D 196 14.58 -3.43 -15.56
N VAL D 197 15.57 -2.56 -15.77
CA VAL D 197 16.89 -2.71 -15.15
C VAL D 197 17.29 -1.45 -14.42
N CYS D 198 17.46 -0.34 -15.17
CA CYS D 198 17.98 0.92 -14.62
C CYS D 198 16.81 1.71 -14.03
N THR D 199 16.25 1.14 -12.98
CA THR D 199 15.05 1.61 -12.32
C THR D 199 15.34 2.79 -11.39
N PRO D 200 14.32 3.58 -11.06
CA PRO D 200 14.55 4.75 -10.22
C PRO D 200 15.25 4.43 -8.92
N ARG D 201 14.72 3.47 -8.17
CA ARG D 201 15.33 2.99 -6.95
C ARG D 201 16.08 1.70 -7.21
N ARG D 202 17.15 1.50 -6.47
CA ARG D 202 17.89 0.23 -6.50
C ARG D 202 17.99 -0.32 -7.91
N PRO D 203 18.68 0.36 -8.81
CA PRO D 203 18.93 -0.21 -10.15
C PRO D 203 19.70 -1.53 -10.08
N SER D 204 19.42 -2.42 -11.05
CA SER D 204 20.00 -3.76 -11.13
C SER D 204 21.30 -3.75 -11.93
N CYS D 205 22.26 -2.95 -11.49
CA CYS D 205 23.49 -2.79 -12.26
C CYS D 205 24.16 -4.14 -12.55
N LEU D 206 24.14 -5.05 -11.58
CA LEU D 206 24.84 -6.32 -11.77
C LEU D 206 24.18 -7.21 -12.82
N LEU D 207 22.92 -6.93 -13.18
CA LEU D 207 22.24 -7.58 -14.30
C LEU D 207 22.14 -6.69 -15.53
N CYS D 208 22.99 -5.68 -15.64
CA CYS D 208 22.81 -4.66 -16.68
C CYS D 208 23.72 -4.96 -17.85
N PRO D 209 23.18 -5.05 -19.06
CA PRO D 209 24.04 -5.36 -20.21
C PRO D 209 25.06 -4.29 -20.53
N VAL D 210 24.79 -3.05 -20.14
CA VAL D 210 25.67 -1.93 -20.53
C VAL D 210 26.52 -1.43 -19.36
N GLN D 211 26.63 -2.21 -18.27
CA GLN D 211 27.35 -1.77 -17.08
C GLN D 211 28.77 -1.29 -17.38
N ALA D 212 29.45 -1.91 -18.33
CA ALA D 212 30.82 -1.52 -18.64
C ALA D 212 30.94 -0.11 -19.21
N TYR D 213 29.84 0.50 -19.63
CA TYR D 213 29.87 1.83 -20.22
C TYR D 213 29.34 2.88 -19.27
N CYS D 214 28.88 2.48 -18.09
CA CYS D 214 28.10 3.36 -17.21
C CYS D 214 29.06 4.15 -16.31
N GLN D 215 29.12 5.47 -16.50
CA GLN D 215 29.97 6.30 -15.63
C GLN D 215 29.47 6.30 -14.18
N ALA D 216 28.15 6.32 -13.96
CA ALA D 216 27.68 6.42 -12.57
C ALA D 216 27.89 5.13 -11.81
N PHE D 217 27.84 4.00 -12.48
CA PHE D 217 28.16 2.75 -11.82
C PHE D 217 29.63 2.71 -11.41
N ALA D 218 30.52 3.14 -12.30
CA ALA D 218 31.95 3.19 -11.97
C ALA D 218 32.22 4.06 -10.75
N GLU D 219 31.59 5.23 -10.70
CA GLU D 219 31.80 6.18 -9.62
C GLU D 219 30.92 5.90 -8.41
N GLY D 220 29.93 5.03 -8.56
CA GLY D 220 29.10 4.61 -7.45
C GLY D 220 28.02 5.59 -7.02
N VAL D 221 27.38 6.27 -7.97
CA VAL D 221 26.41 7.31 -7.63
C VAL D 221 25.07 7.14 -8.33
N ALA D 222 24.82 5.94 -8.89
CA ALA D 222 23.64 5.74 -9.72
C ALA D 222 22.36 6.07 -8.96
N GLU D 223 22.26 5.66 -7.69
CA GLU D 223 21.03 5.85 -6.95
C GLU D 223 20.78 7.31 -6.61
N GLU D 224 21.75 8.20 -6.86
CA GLU D 224 21.55 9.63 -6.71
C GLU D 224 21.28 10.34 -8.04
N LEU D 225 20.93 9.61 -9.09
CA LEU D 225 20.61 10.18 -10.39
C LEU D 225 19.37 9.52 -10.95
N PRO D 226 18.56 10.24 -11.75
CA PRO D 226 18.75 11.61 -12.23
C PRO D 226 18.46 12.63 -11.12
N VAL D 227 19.00 13.84 -11.31
CA VAL D 227 18.65 15.00 -10.50
C VAL D 227 17.26 15.50 -10.90
N LYS D 228 16.32 15.52 -9.94
CA LYS D 228 14.98 16.05 -10.13
C LYS D 228 14.58 16.82 -8.90
N MET D 229 13.72 17.80 -9.06
CA MET D 229 13.38 18.66 -7.94
C MET D 229 12.21 18.05 -7.20
N LYS D 230 12.34 18.02 -5.86
CA LYS D 230 11.29 17.47 -5.01
C LYS D 230 9.96 18.14 -5.30
N LYS D 231 8.87 17.41 -5.05
CA LYS D 231 7.52 17.94 -5.20
C LYS D 231 7.19 18.84 -4.01
N THR D 232 6.71 20.04 -4.28
CA THR D 232 6.15 20.87 -3.22
C THR D 232 4.70 20.48 -2.97
N ALA D 233 4.25 20.68 -1.73
CA ALA D 233 2.90 20.27 -1.34
C ALA D 233 1.87 20.98 -2.23
N VAL D 234 0.72 20.34 -2.38
CA VAL D 234 -0.30 20.80 -3.32
C VAL D 234 -1.52 21.30 -2.57
N LYS D 235 -2.27 22.14 -3.26
CA LYS D 235 -3.46 22.75 -2.71
C LYS D 235 -4.43 21.66 -2.26
N GLN D 236 -4.94 21.80 -1.04
CA GLN D 236 -6.02 20.95 -0.51
C GLN D 236 -7.33 21.70 -0.67
N VAL D 237 -8.31 21.06 -1.30
CA VAL D 237 -9.54 21.76 -1.69
C VAL D 237 -10.74 21.01 -1.14
N PRO D 238 -11.44 21.55 -0.14
CA PRO D 238 -12.64 20.89 0.36
C PRO D 238 -13.80 21.00 -0.61
N LEU D 239 -14.48 19.87 -0.82
CA LEU D 239 -15.56 19.85 -1.79
C LEU D 239 -16.71 19.00 -1.27
N ALA D 240 -17.93 19.51 -1.37
CA ALA D 240 -19.13 18.80 -0.99
C ALA D 240 -19.84 18.27 -2.22
N VAL D 241 -20.42 17.07 -2.10
CA VAL D 241 -21.02 16.38 -3.23
C VAL D 241 -22.38 15.83 -2.80
N ALA D 242 -23.36 15.93 -3.68
CA ALA D 242 -24.70 15.48 -3.37
C ALA D 242 -25.12 14.38 -4.33
N VAL D 243 -25.67 13.30 -3.77
CA VAL D 243 -26.28 12.23 -4.56
C VAL D 243 -27.78 12.29 -4.29
N LEU D 244 -28.55 12.74 -5.29
CA LEU D 244 -29.99 13.00 -5.17
C LEU D 244 -30.77 12.09 -6.11
N ALA D 245 -31.78 11.40 -5.57
CA ALA D 245 -32.67 10.53 -6.34
C ALA D 245 -34.13 10.89 -6.06
N ASP D 246 -35.00 10.65 -7.05
CA ASP D 246 -36.40 11.06 -7.01
C ASP D 246 -37.32 9.83 -6.93
N ASP D 247 -38.62 10.05 -7.20
CA ASP D 247 -39.60 8.97 -7.12
C ASP D 247 -39.34 7.90 -8.17
N GLU D 248 -39.16 8.32 -9.44
CA GLU D 248 -38.88 7.40 -10.53
C GLU D 248 -37.51 6.69 -10.39
N GLY D 249 -36.73 6.99 -9.35
CA GLY D 249 -35.46 6.31 -9.09
C GLY D 249 -34.25 6.85 -9.84
N ARG D 250 -34.37 8.02 -10.45
CA ARG D 250 -33.32 8.58 -11.27
C ARG D 250 -32.39 9.43 -10.41
N VAL D 251 -31.13 9.54 -10.84
CA VAL D 251 -30.11 10.26 -10.09
C VAL D 251 -29.65 11.47 -10.89
N LEU D 252 -29.46 12.59 -10.18
CA LEU D 252 -29.09 13.86 -10.82
C LEU D 252 -27.58 13.93 -11.03
N ILE D 253 -27.18 14.00 -12.29
CA ILE D 253 -25.79 14.18 -12.70
C ILE D 253 -25.75 15.38 -13.63
N ARG D 254 -24.54 15.88 -13.87
CA ARG D 254 -24.34 17.00 -14.77
C ARG D 254 -23.03 16.77 -15.49
N LYS D 255 -22.88 17.45 -16.61
CA LYS D 255 -21.67 17.38 -17.41
C LYS D 255 -20.80 18.59 -17.14
N ARG D 256 -19.52 18.35 -16.92
CA ARG D 256 -18.61 19.46 -16.64
C ARG D 256 -18.33 20.23 -17.91
N ASP D 257 -17.90 21.49 -17.75
CA ASP D 257 -17.56 22.35 -18.88
C ASP D 257 -16.56 21.66 -19.79
N SER D 258 -16.40 22.19 -21.00
CA SER D 258 -15.41 21.69 -21.95
C SER D 258 -14.01 22.23 -21.68
N THR D 259 -13.82 23.08 -20.69
CA THR D 259 -12.51 23.68 -20.44
C THR D 259 -12.06 23.40 -19.00
N GLY D 260 -10.88 22.82 -18.87
CA GLY D 260 -10.26 22.74 -17.57
C GLY D 260 -10.23 21.34 -17.01
N LEU D 261 -10.28 21.27 -15.68
CA LEU D 261 -10.21 20.00 -14.97
C LEU D 261 -11.33 19.07 -15.40
N LEU D 262 -10.98 17.79 -15.63
CA LEU D 262 -11.94 16.72 -15.94
C LEU D 262 -12.96 17.18 -16.97
N ALA D 263 -12.48 17.85 -18.01
CA ALA D 263 -13.39 18.47 -18.98
C ALA D 263 -14.28 17.42 -19.64
N ASN D 264 -15.58 17.68 -19.64
CA ASN D 264 -16.59 16.91 -20.37
C ASN D 264 -16.91 15.57 -19.74
N LEU D 265 -16.41 15.30 -18.55
CA LEU D 265 -16.89 14.14 -17.82
C LEU D 265 -18.13 14.47 -17.02
N TRP D 266 -18.86 13.43 -16.65
CA TRP D 266 -20.06 13.61 -15.85
C TRP D 266 -19.70 13.48 -14.38
N GLU D 267 -20.50 14.11 -13.52
CA GLU D 267 -20.22 14.19 -12.10
C GLU D 267 -21.52 14.44 -11.35
N PHE D 268 -21.53 14.07 -10.09
CA PHE D 268 -22.59 14.46 -9.20
C PHE D 268 -22.38 15.91 -8.78
N PRO D 269 -23.45 16.70 -8.66
CA PRO D 269 -23.27 18.13 -8.40
C PRO D 269 -22.52 18.39 -7.09
N SER D 270 -21.64 19.38 -7.13
CA SER D 270 -20.67 19.62 -6.06
C SER D 270 -20.38 21.11 -5.97
N CYS D 271 -19.93 21.53 -4.79
CA CYS D 271 -19.70 22.93 -4.47
C CYS D 271 -18.46 23.04 -3.58
N GLU D 272 -17.67 24.10 -3.80
CA GLU D 272 -16.52 24.35 -2.94
C GLU D 272 -16.92 25.07 -1.66
N THR D 273 -16.30 24.68 -0.56
CA THR D 273 -16.53 25.27 0.74
C THR D 273 -15.18 25.69 1.31
N ASP D 274 -15.20 26.47 2.39
CA ASP D 274 -14.00 26.79 3.14
C ASP D 274 -13.83 25.87 4.34
N GLY D 275 -14.40 24.67 4.26
CA GLY D 275 -14.52 23.78 5.38
C GLY D 275 -15.73 24.05 6.24
N ALA D 276 -16.33 25.22 6.09
CA ALA D 276 -17.56 25.54 6.81
C ALA D 276 -18.71 24.72 6.27
N ASP D 277 -19.58 24.25 7.17
CA ASP D 277 -20.69 23.39 6.81
C ASP D 277 -21.23 23.80 5.45
N GLY D 278 -21.27 22.84 4.54
CA GLY D 278 -21.66 23.10 3.17
C GLY D 278 -23.04 22.57 2.83
N LYS D 279 -23.73 21.98 3.80
CA LYS D 279 -25.08 21.50 3.53
C LYS D 279 -25.93 22.63 2.96
N GLU D 280 -25.90 23.80 3.59
CA GLU D 280 -26.67 24.92 3.05
C GLU D 280 -26.04 25.43 1.76
N LYS D 281 -24.71 25.32 1.62
CA LYS D 281 -24.04 25.77 0.41
C LYS D 281 -24.47 24.95 -0.80
N LEU D 282 -24.67 23.65 -0.59
CA LEU D 282 -25.14 22.78 -1.66
C LEU D 282 -26.61 23.03 -1.98
N GLU D 283 -27.44 23.19 -0.95
CA GLU D 283 -28.87 23.42 -1.17
C GLU D 283 -29.11 24.75 -1.88
N GLN D 284 -28.28 25.76 -1.62
CA GLN D 284 -28.43 27.04 -2.32
C GLN D 284 -28.19 26.86 -3.82
N MET D 285 -27.10 26.17 -4.19
CA MET D 285 -26.70 26.05 -5.59
C MET D 285 -27.64 25.15 -6.37
N VAL D 286 -28.03 24.01 -5.79
CA VAL D 286 -28.87 23.06 -6.50
C VAL D 286 -30.21 23.68 -6.86
N GLY D 287 -30.74 24.55 -6.00
CA GLY D 287 -31.98 25.25 -6.29
C GLY D 287 -31.92 26.13 -7.53
N GLU D 288 -30.72 26.52 -7.95
CA GLU D 288 -30.56 27.42 -9.08
C GLU D 288 -30.38 26.59 -10.35
N GLY D 291 -33.94 25.59 -10.35
CA GLY D 291 -35.25 25.64 -9.73
C GLY D 291 -35.49 24.55 -8.69
N LEU D 292 -35.24 23.30 -9.08
CA LEU D 292 -35.53 22.14 -8.23
C LEU D 292 -34.97 22.35 -6.82
N GLN D 293 -35.76 22.01 -5.81
CA GLN D 293 -35.34 22.18 -4.42
C GLN D 293 -35.24 20.81 -3.75
N VAL D 294 -34.21 20.68 -2.92
CA VAL D 294 -33.83 19.41 -2.34
C VAL D 294 -33.49 19.62 -0.87
N GLU D 295 -33.70 18.58 -0.08
CA GLU D 295 -33.33 18.56 1.33
C GLU D 295 -32.30 17.46 1.56
N LEU D 296 -31.27 17.78 2.35
CA LEU D 296 -30.09 16.94 2.50
C LEU D 296 -30.03 16.32 3.89
N THR D 297 -29.45 15.12 3.94
CA THR D 297 -29.24 14.34 5.17
C THR D 297 -27.80 14.48 5.65
N GLU D 298 -27.56 14.03 6.87
CA GLU D 298 -26.22 14.05 7.43
C GLU D 298 -25.24 13.39 6.45
N PRO D 299 -24.00 13.90 6.34
CA PRO D 299 -23.02 13.29 5.42
C PRO D 299 -22.72 11.85 5.77
N ILE D 300 -22.40 11.05 4.75
CA ILE D 300 -22.20 9.62 4.91
C ILE D 300 -20.75 9.17 4.81
N VAL D 301 -19.86 10.00 4.23
CA VAL D 301 -18.46 9.62 4.12
C VAL D 301 -17.67 10.84 3.70
N SER D 302 -16.37 10.79 3.89
CA SER D 302 -15.48 11.82 3.38
C SER D 302 -14.17 11.14 3.01
N PHE D 303 -13.56 11.61 1.93
CA PHE D 303 -12.34 10.98 1.47
C PHE D 303 -11.59 11.98 0.61
N GLU D 304 -10.31 11.69 0.41
CA GLU D 304 -9.42 12.50 -0.38
C GLU D 304 -9.20 11.83 -1.74
N HIS D 305 -9.01 12.65 -2.77
CA HIS D 305 -8.67 12.15 -4.09
C HIS D 305 -7.62 13.08 -4.68
N ALA D 306 -6.47 12.51 -4.99
CA ALA D 306 -5.32 13.26 -5.42
C ALA D 306 -5.36 13.49 -6.93
N PHE D 307 -4.98 14.69 -7.32
CA PHE D 307 -4.55 15.07 -8.66
C PHE D 307 -3.10 15.45 -8.58
N SER D 308 -2.48 15.58 -9.73
CA SER D 308 -1.08 16.00 -9.72
C SER D 308 -0.88 17.35 -9.04
N HIS D 309 -1.85 18.27 -9.11
CA HIS D 309 -1.61 19.67 -8.71
C HIS D 309 -2.52 20.15 -7.58
N LEU D 310 -3.44 19.31 -7.14
CA LEU D 310 -4.30 19.64 -6.02
C LEU D 310 -4.89 18.34 -5.51
N VAL D 311 -5.60 18.45 -4.38
CA VAL D 311 -6.21 17.33 -3.69
C VAL D 311 -7.62 17.74 -3.30
N TRP D 312 -8.62 16.99 -3.75
CA TRP D 312 -9.99 17.19 -3.31
C TRP D 312 -10.21 16.47 -1.99
N GLN D 313 -10.88 17.17 -1.06
CA GLN D 313 -11.34 16.58 0.20
C GLN D 313 -12.85 16.53 0.08
N LEU D 314 -13.36 15.40 -0.42
CA LEU D 314 -14.78 15.28 -0.78
C LEU D 314 -15.60 14.82 0.41
N THR D 315 -16.78 15.42 0.56
CA THR D 315 -17.78 14.95 1.51
C THR D 315 -19.07 14.71 0.74
N VAL D 316 -19.65 13.53 0.94
CA VAL D 316 -20.84 13.06 0.22
C VAL D 316 -22.08 13.28 1.07
N PHE D 317 -22.99 14.12 0.60
CA PHE D 317 -24.28 14.30 1.25
C PHE D 317 -25.36 13.57 0.46
N PRO D 318 -26.08 12.62 1.05
CA PRO D 318 -27.19 11.97 0.32
C PRO D 318 -28.47 12.82 0.36
N GLY D 319 -29.41 12.48 -0.51
CA GLY D 319 -30.61 13.29 -0.60
C GLY D 319 -31.68 12.68 -1.49
N ARG D 320 -32.80 13.40 -1.58
CA ARG D 320 -33.96 13.02 -2.38
C ARG D 320 -34.55 14.27 -3.00
N LEU D 321 -35.01 14.16 -4.25
CA LEU D 321 -35.32 15.30 -5.10
C LEU D 321 -36.76 15.26 -5.59
N VAL D 322 -37.41 16.42 -5.54
CA VAL D 322 -38.77 16.61 -6.05
C VAL D 322 -38.69 17.58 -7.23
N HIS D 323 -39.14 17.15 -8.42
CA HIS D 323 -39.08 18.00 -9.61
C HIS D 323 -40.37 18.02 -10.45
N VAL D 327 -34.73 18.20 -16.23
CA VAL D 327 -34.16 19.46 -15.78
C VAL D 327 -33.32 20.09 -16.89
N GLU D 328 -32.77 21.27 -16.61
CA GLU D 328 -31.99 22.00 -17.61
C GLU D 328 -30.66 21.30 -17.87
N GLU D 329 -30.12 21.52 -19.08
CA GLU D 329 -28.72 21.20 -19.29
C GLU D 329 -27.85 22.27 -18.62
N PRO D 330 -26.65 21.91 -18.15
CA PRO D 330 -25.93 20.63 -18.28
C PRO D 330 -26.45 19.46 -17.44
N TYR D 331 -27.36 19.71 -16.49
CA TYR D 331 -27.86 18.65 -15.62
C TYR D 331 -28.69 17.63 -16.41
N ARG D 332 -29.02 16.53 -15.74
CA ARG D 332 -29.81 15.45 -16.31
C ARG D 332 -30.18 14.47 -15.20
N LEU D 333 -31.40 13.94 -15.26
CA LEU D 333 -31.87 12.92 -14.32
C LEU D 333 -31.73 11.56 -14.98
N ALA D 334 -30.84 10.75 -14.42
CA ALA D 334 -30.44 9.54 -15.09
C ALA D 334 -30.90 8.32 -14.31
N PRO D 335 -31.57 7.37 -14.97
CA PRO D 335 -31.89 6.11 -14.30
C PRO D 335 -30.63 5.44 -13.77
N GLU D 336 -30.73 4.92 -12.56
CA GLU D 336 -29.67 4.10 -11.98
C GLU D 336 -29.13 3.11 -13.02
N ASP D 337 -30.05 2.51 -13.78
CA ASP D 337 -29.66 1.57 -14.81
C ASP D 337 -28.75 2.23 -15.86
N GLU D 338 -29.02 3.48 -16.22
CA GLU D 338 -28.30 4.10 -17.32
C GLU D 338 -26.99 4.75 -16.89
N LEU D 339 -26.61 4.64 -15.61
CA LEU D 339 -25.39 5.30 -15.15
C LEU D 339 -24.18 4.74 -15.85
N LYS D 340 -24.13 3.43 -16.05
CA LYS D 340 -22.99 2.78 -16.67
C LYS D 340 -22.63 3.40 -18.03
N ALA D 341 -23.53 4.14 -18.67
CA ALA D 341 -23.29 4.64 -20.02
C ALA D 341 -22.41 5.90 -20.05
N TYR D 342 -22.45 6.73 -19.01
CA TYR D 342 -21.73 7.98 -18.94
C TYR D 342 -20.31 7.76 -18.44
N ALA D 343 -19.44 8.71 -18.72
CA ALA D 343 -18.06 8.66 -18.26
C ALA D 343 -17.91 9.55 -17.02
N PHE D 344 -17.49 8.94 -15.93
CA PHE D 344 -17.25 9.60 -14.68
C PHE D 344 -15.77 9.55 -14.36
N PRO D 345 -15.23 10.59 -13.76
CA PRO D 345 -13.89 10.49 -13.21
C PRO D 345 -13.92 9.59 -11.98
N VAL D 346 -12.74 9.06 -11.66
CA VAL D 346 -12.62 8.05 -10.61
C VAL D 346 -13.08 8.60 -9.27
N SER D 347 -12.97 9.90 -9.05
CA SER D 347 -13.41 10.44 -7.79
C SER D 347 -14.91 10.21 -7.61
N HIS D 348 -15.69 10.43 -8.67
CA HIS D 348 -17.14 10.37 -8.54
C HIS D 348 -17.69 8.97 -8.71
N GLN D 349 -16.93 8.09 -9.37
CA GLN D 349 -17.21 6.65 -9.32
C GLN D 349 -17.18 6.14 -7.89
N ARG D 350 -16.25 6.65 -7.06
CA ARG D 350 -16.20 6.20 -5.68
C ARG D 350 -17.32 6.82 -4.85
N VAL D 351 -17.62 8.08 -5.11
CA VAL D 351 -18.81 8.72 -4.53
C VAL D 351 -20.03 7.82 -4.70
N TRP D 352 -20.18 7.21 -5.86
CA TRP D 352 -21.37 6.40 -6.11
C TRP D 352 -21.26 5.06 -5.40
N ARG D 353 -20.09 4.43 -5.46
CA ARG D 353 -19.90 3.20 -4.71
C ARG D 353 -20.13 3.45 -3.22
N GLU D 354 -19.69 4.59 -2.71
CA GLU D 354 -19.90 4.85 -1.30
C GLU D 354 -21.38 5.09 -1.01
N TYR D 355 -22.15 5.51 -2.02
CA TYR D 355 -23.58 5.75 -1.83
C TYR D 355 -24.39 4.46 -1.84
N LYS D 356 -24.02 3.53 -2.71
CA LYS D 356 -24.71 2.25 -2.78
C LYS D 356 -24.41 1.41 -1.55
N GLU D 357 -23.17 1.38 -1.07
CA GLU D 357 -22.88 0.56 0.09
C GLU D 357 -23.57 1.12 1.34
N TRP D 358 -23.69 2.44 1.47
CA TRP D 358 -24.46 3.02 2.57
C TRP D 358 -25.93 2.60 2.49
N ALA D 359 -26.56 2.80 1.33
CA ALA D 359 -27.97 2.45 1.19
C ALA D 359 -28.23 1.01 1.62
N SER D 360 -27.32 0.11 1.27
CA SER D 360 -27.40 -1.27 1.74
C SER D 360 -27.12 -1.35 3.25
#